data_5UC5
#
_entry.id   5UC5
#
_cell.length_a   118.819
_cell.length_b   56.628
_cell.length_c   111.490
_cell.angle_alpha   90.000
_cell.angle_beta   90.000
_cell.angle_gamma   90.000
#
_symmetry.space_group_name_H-M   'P 21 21 2'
#
loop_
_entity.id
_entity.type
_entity.pdbx_description
1 polymer 'CHS2 chalcone synthase'
2 water water
#
_entity_poly.entity_id   1
_entity_poly.type   'polypeptide(L)'
_entity_poly.pdbx_seq_one_letter_code
;GSMVTVEEVRKAQRAEGPATVLAIGTATPSNCVDQATYPDYYFRITNSEHKTELKEKFQRMCDKSMIKKRYMYLTEEILK
ENPTVCEYMAPSLDARQDMVVVEVPRLGKEAATKAIKEWGQPKSKITHLVFCTTSGVDMPGADYQLTKLLGLRPYVKRLM
MYQQG(CSD)FAGGTVLRLAKDLAENNKGARVLVVCSEITAVTFRGPSDTHLDSLVGQALFGDGAAAVIIGADPLPEVEK
PLFELVSAAQTILPDSDGAIDGHLREVGLTFHLLKDVPGLISKNIEKSLNEAFKPIGISDWNSLFWIAHPGGPAILDQVE
SKLALKPEKLEATRQVLSNYGNMSSACVLFILDEVRRKSTEKGLRTTGEGLEWGVLFGFGPGLTVETVVLHSVA
;
_entity_poly.pdbx_strand_id   A,B
#
# COMPACT_ATOMS: atom_id res chain seq x y z
N VAL A 4 9.23 28.56 -17.87
CA VAL A 4 10.06 27.52 -17.30
C VAL A 4 9.77 26.16 -17.95
N THR A 5 10.81 25.34 -18.09
CA THR A 5 10.67 24.03 -18.73
C THR A 5 10.61 22.92 -17.68
N VAL A 6 10.16 21.75 -18.10
CA VAL A 6 10.05 20.61 -17.20
C VAL A 6 11.44 20.14 -16.77
N GLU A 7 12.41 20.23 -17.69
CA GLU A 7 13.78 19.84 -17.38
C GLU A 7 14.36 20.68 -16.26
N GLU A 8 13.96 21.95 -16.22
CA GLU A 8 14.44 22.87 -15.19
C GLU A 8 13.79 22.58 -13.84
N VAL A 9 12.51 22.22 -13.86
CA VAL A 9 11.82 21.86 -12.63
C VAL A 9 12.44 20.60 -12.04
N ARG A 10 12.68 19.61 -12.89
CA ARG A 10 13.26 18.33 -12.46
C ARG A 10 14.60 18.53 -11.78
N LYS A 11 15.43 19.41 -12.36
CA LYS A 11 16.75 19.71 -11.82
C LYS A 11 16.66 20.27 -10.40
N ALA A 12 15.78 21.25 -10.21
CA ALA A 12 15.66 21.95 -8.93
C ALA A 12 14.91 21.12 -7.89
N GLN A 13 14.16 20.13 -8.36
CA GLN A 13 13.24 19.38 -7.50
C GLN A 13 13.91 18.22 -6.77
N ARG A 14 14.98 17.68 -7.36
CA ARG A 14 15.57 16.43 -6.90
C ARG A 14 16.72 16.64 -5.92
N ALA A 15 16.97 15.64 -5.09
CA ALA A 15 18.08 15.67 -4.14
C ALA A 15 19.36 15.17 -4.79
N GLU A 16 20.46 15.24 -4.04
CA GLU A 16 21.79 14.95 -4.58
C GLU A 16 22.39 13.64 -4.05
N GLY A 17 22.35 13.45 -2.74
CA GLY A 17 23.02 12.33 -2.10
C GLY A 17 22.15 11.10 -1.91
N PRO A 18 22.74 10.04 -1.34
CA PRO A 18 22.02 8.79 -1.08
C PRO A 18 21.06 8.92 0.10
N ALA A 19 19.97 8.16 0.08
CA ALA A 19 19.04 8.12 1.20
C ALA A 19 19.78 7.67 2.45
N THR A 20 19.48 8.33 3.57
CA THR A 20 20.21 8.11 4.81
C THR A 20 19.27 7.94 5.99
N VAL A 21 19.50 6.89 6.78
CA VAL A 21 18.77 6.68 8.02
C VAL A 21 19.27 7.69 9.06
N LEU A 22 18.37 8.54 9.52
CA LEU A 22 18.75 9.63 10.43
C LEU A 22 18.32 9.36 11.87
N ALA A 23 17.41 8.42 12.06
CA ALA A 23 16.93 8.08 13.39
C ALA A 23 16.12 6.81 13.39
N ILE A 24 16.12 6.11 14.52
CA ILE A 24 15.31 4.90 14.69
C ILE A 24 14.66 4.87 16.08
N GLY A 25 13.35 4.63 16.10
CA GLY A 25 12.61 4.52 17.35
C GLY A 25 11.75 3.28 17.33
N THR A 26 11.58 2.66 18.51
CA THR A 26 10.79 1.45 18.62
C THR A 26 9.82 1.50 19.81
N ALA A 27 8.77 0.68 19.75
CA ALA A 27 7.78 0.63 20.82
C ALA A 27 7.07 -0.73 20.81
N THR A 28 6.59 -1.14 21.98
CA THR A 28 5.80 -2.36 22.12
C THR A 28 4.68 -2.15 23.14
N PRO A 29 3.66 -3.02 23.11
CA PRO A 29 2.66 -3.02 24.18
C PRO A 29 3.31 -3.32 25.52
N SER A 30 2.65 -2.96 26.62
CA SER A 30 3.25 -3.08 27.95
C SER A 30 3.20 -4.51 28.48
N ASN A 31 2.25 -5.31 27.98
CA ASN A 31 2.07 -6.66 28.46
C ASN A 31 3.13 -7.63 27.94
N CYS A 32 4.09 -7.95 28.79
CA CYS A 32 5.17 -8.86 28.44
C CYS A 32 4.80 -10.31 28.74
N VAL A 33 4.77 -11.14 27.71
CA VAL A 33 4.37 -12.54 27.82
C VAL A 33 5.58 -13.46 27.63
N ASP A 34 5.99 -14.15 28.69
CA ASP A 34 7.15 -15.02 28.59
C ASP A 34 6.77 -16.33 27.90
N GLN A 35 7.67 -16.81 27.05
CA GLN A 35 7.42 -17.97 26.20
C GLN A 35 7.39 -19.27 27.00
N ALA A 36 8.16 -19.32 28.08
CA ALA A 36 8.32 -20.54 28.88
C ALA A 36 6.99 -21.14 29.32
N THR A 37 6.06 -20.28 29.74
CA THR A 37 4.77 -20.73 30.25
C THR A 37 3.60 -20.34 29.35
N TYR A 38 3.89 -19.98 28.10
CA TYR A 38 2.84 -19.55 27.18
C TYR A 38 1.87 -20.69 26.86
N PRO A 39 2.38 -21.91 26.68
CA PRO A 39 1.45 -23.01 26.39
C PRO A 39 0.40 -23.23 27.49
N ASP A 40 0.80 -23.12 28.76
CA ASP A 40 -0.16 -23.22 29.86
C ASP A 40 -1.19 -22.09 29.76
N TYR A 41 -0.71 -20.88 29.54
CA TYR A 41 -1.56 -19.71 29.45
C TYR A 41 -2.46 -19.79 28.21
N TYR A 42 -1.86 -20.12 27.08
CA TYR A 42 -2.58 -20.16 25.81
C TYR A 42 -3.71 -21.20 25.81
N PHE A 43 -3.41 -22.41 26.27
CA PHE A 43 -4.41 -23.46 26.29
C PHE A 43 -5.46 -23.25 27.38
N ARG A 44 -5.19 -22.37 28.33
CA ARG A 44 -6.19 -22.03 29.35
C ARG A 44 -7.19 -21.01 28.84
N ILE A 45 -6.69 -19.94 28.22
CA ILE A 45 -7.55 -18.85 27.75
C ILE A 45 -8.38 -19.25 26.53
N THR A 46 -7.92 -20.26 25.79
CA THR A 46 -8.65 -20.76 24.64
C THR A 46 -9.50 -21.97 25.00
N ASN A 47 -9.62 -22.23 26.30
CA ASN A 47 -10.47 -23.31 26.81
C ASN A 47 -10.16 -24.66 26.16
N SER A 48 -8.88 -24.99 26.07
CA SER A 48 -8.42 -26.18 25.35
C SER A 48 -7.51 -27.06 26.21
N GLU A 49 -7.65 -26.96 27.52
CA GLU A 49 -6.78 -27.70 28.43
C GLU A 49 -7.00 -29.20 28.36
N HIS A 50 -8.12 -29.61 27.75
CA HIS A 50 -8.41 -31.04 27.60
C HIS A 50 -7.62 -31.66 26.45
N LYS A 51 -7.07 -30.82 25.57
CA LYS A 51 -6.29 -31.29 24.44
C LYS A 51 -4.83 -31.49 24.84
N THR A 52 -4.60 -32.52 25.66
CA THR A 52 -3.31 -32.74 26.30
C THR A 52 -2.16 -32.98 25.32
N GLU A 53 -2.39 -33.84 24.33
CA GLU A 53 -1.34 -34.15 23.35
C GLU A 53 -1.01 -32.93 22.49
N LEU A 54 -2.03 -32.17 22.12
CA LEU A 54 -1.80 -30.97 21.31
C LEU A 54 -1.04 -29.91 22.11
N LYS A 55 -1.26 -29.89 23.42
CA LYS A 55 -0.55 -28.98 24.30
C LYS A 55 0.92 -29.37 24.38
N GLU A 56 1.18 -30.68 24.38
CA GLU A 56 2.53 -31.21 24.39
C GLU A 56 3.27 -30.77 23.13
N LYS A 57 2.58 -30.86 21.98
CA LYS A 57 3.13 -30.41 20.72
C LYS A 57 3.49 -28.93 20.78
N PHE A 58 2.58 -28.13 21.32
CA PHE A 58 2.77 -26.69 21.38
C PHE A 58 3.93 -26.33 22.28
N GLN A 59 4.07 -27.06 23.38
CA GLN A 59 5.18 -26.85 24.31
C GLN A 59 6.50 -27.04 23.58
N ARG A 60 6.58 -28.06 22.72
CA ARG A 60 7.78 -28.30 21.95
C ARG A 60 8.02 -27.17 20.94
N MET A 61 6.95 -26.66 20.35
CA MET A 61 7.06 -25.56 19.39
C MET A 61 7.66 -24.33 20.06
N CYS A 62 7.14 -24.00 21.24
CA CYS A 62 7.61 -22.83 21.96
C CYS A 62 9.04 -23.01 22.46
N ASP A 63 9.37 -24.21 22.94
CA ASP A 63 10.71 -24.49 23.44
C ASP A 63 11.76 -24.35 22.33
N LYS A 64 11.37 -24.65 21.11
CA LYS A 64 12.28 -24.62 19.97
C LYS A 64 12.18 -23.32 19.17
N SER A 65 11.30 -22.42 19.58
CA SER A 65 11.10 -21.16 18.87
C SER A 65 12.28 -20.21 19.05
N MET A 66 13.11 -20.46 20.06
CA MET A 66 14.21 -19.59 20.44
C MET A 66 13.69 -18.17 20.74
N ILE A 67 12.46 -18.12 21.24
CA ILE A 67 11.85 -16.88 21.73
C ILE A 67 11.72 -16.96 23.25
N LYS A 68 12.16 -15.92 23.96
CA LYS A 68 12.09 -15.90 25.42
C LYS A 68 10.85 -15.14 25.87
N LYS A 69 10.50 -14.09 25.13
CA LYS A 69 9.34 -13.29 25.47
C LYS A 69 8.78 -12.58 24.25
N ARG A 70 7.52 -12.19 24.36
CA ARG A 70 6.86 -11.37 23.36
C ARG A 70 6.03 -10.32 24.07
N TYR A 71 5.64 -9.28 23.35
CA TYR A 71 4.74 -8.27 23.87
C TYR A 71 3.46 -8.33 23.07
N MET A 72 2.32 -8.39 23.76
N MET A 72 2.33 -8.36 23.77
CA MET A 72 1.02 -8.56 23.11
CA MET A 72 1.03 -8.55 23.15
C MET A 72 0.01 -7.53 23.60
C MET A 72 0.03 -7.48 23.61
N TYR A 73 -0.67 -6.89 22.66
CA TYR A 73 -1.75 -5.97 22.99
C TYR A 73 -2.88 -6.74 23.70
N LEU A 74 -3.13 -7.96 23.21
CA LEU A 74 -4.14 -8.81 23.81
C LEU A 74 -3.76 -9.26 25.21
N THR A 75 -4.63 -9.00 26.16
CA THR A 75 -4.48 -9.46 27.54
C THR A 75 -5.56 -10.49 27.84
N GLU A 76 -5.46 -11.13 28.99
CA GLU A 76 -6.47 -12.07 29.42
C GLU A 76 -7.83 -11.38 29.58
N GLU A 77 -7.80 -10.15 30.11
CA GLU A 77 -9.01 -9.38 30.29
C GLU A 77 -9.71 -9.11 28.96
N ILE A 78 -8.94 -8.65 27.98
CA ILE A 78 -9.48 -8.35 26.65
C ILE A 78 -10.05 -9.60 25.99
N LEU A 79 -9.37 -10.72 26.16
CA LEU A 79 -9.81 -11.97 25.55
C LEU A 79 -11.05 -12.55 26.24
N LYS A 80 -11.22 -12.23 27.51
CA LYS A 80 -12.43 -12.65 28.23
C LYS A 80 -13.64 -11.87 27.74
N GLU A 81 -13.41 -10.67 27.23
CA GLU A 81 -14.47 -9.83 26.68
C GLU A 81 -14.72 -10.14 25.20
N ASN A 82 -13.81 -10.91 24.59
CA ASN A 82 -13.91 -11.26 23.18
C ASN A 82 -13.74 -12.77 22.97
N PRO A 83 -14.74 -13.56 23.39
CA PRO A 83 -14.64 -15.02 23.35
C PRO A 83 -14.55 -15.61 21.94
N THR A 84 -15.10 -14.94 20.94
CA THR A 84 -15.04 -15.45 19.57
C THR A 84 -13.61 -15.40 19.03
N VAL A 85 -12.78 -14.55 19.62
CA VAL A 85 -11.37 -14.47 19.24
C VAL A 85 -10.61 -15.67 19.79
N CYS A 86 -11.10 -16.22 20.90
CA CYS A 86 -10.46 -17.35 21.56
C CYS A 86 -10.75 -18.67 20.85
N GLU A 87 -11.85 -18.71 20.09
CA GLU A 87 -12.19 -19.88 19.30
C GLU A 87 -11.17 -20.08 18.19
N TYR A 88 -11.03 -21.31 17.71
CA TYR A 88 -10.15 -21.57 16.58
C TYR A 88 -10.67 -20.87 15.33
N MET A 89 -11.95 -21.07 15.03
CA MET A 89 -12.59 -20.36 13.94
C MET A 89 -14.05 -20.05 14.26
N ALA A 90 -14.27 -18.82 14.70
CA ALA A 90 -15.60 -18.28 14.90
C ALA A 90 -15.63 -16.87 14.33
N PRO A 91 -16.83 -16.39 13.94
CA PRO A 91 -16.93 -15.02 13.42
C PRO A 91 -16.38 -14.02 14.42
N SER A 92 -15.36 -13.26 14.01
CA SER A 92 -14.65 -12.39 14.94
C SER A 92 -13.91 -11.23 14.28
N LEU A 93 -14.08 -11.06 12.97
CA LEU A 93 -13.36 -10.02 12.24
C LEU A 93 -13.71 -8.63 12.75
N ASP A 94 -14.99 -8.40 13.01
CA ASP A 94 -15.45 -7.11 13.50
C ASP A 94 -14.79 -6.77 14.83
N ALA A 95 -14.78 -7.75 15.74
CA ALA A 95 -14.14 -7.58 17.04
C ALA A 95 -12.65 -7.28 16.87
N ARG A 96 -11.99 -7.99 15.97
CA ARG A 96 -10.57 -7.80 15.73
C ARG A 96 -10.27 -6.43 15.13
N GLN A 97 -11.07 -6.04 14.13
CA GLN A 97 -10.90 -4.74 13.48
C GLN A 97 -11.07 -3.58 14.46
N ASP A 98 -12.08 -3.67 15.32
CA ASP A 98 -12.34 -2.61 16.30
C ASP A 98 -11.12 -2.38 17.19
N MET A 99 -10.37 -3.45 17.44
CA MET A 99 -9.17 -3.37 18.26
C MET A 99 -8.01 -2.71 17.50
N VAL A 100 -7.64 -3.31 16.37
CA VAL A 100 -6.40 -2.95 15.69
C VAL A 100 -6.47 -1.64 14.91
N VAL A 101 -7.69 -1.22 14.56
CA VAL A 101 -7.86 0.03 13.83
C VAL A 101 -7.44 1.21 14.72
N VAL A 102 -7.52 1.02 16.03
CA VAL A 102 -7.09 2.03 17.00
C VAL A 102 -5.66 1.77 17.47
N GLU A 103 -5.38 0.53 17.84
CA GLU A 103 -4.10 0.20 18.47
C GLU A 103 -2.90 0.36 17.54
N VAL A 104 -3.08 0.02 16.26
CA VAL A 104 -1.99 0.08 15.30
C VAL A 104 -1.42 1.49 15.18
N PRO A 105 -2.28 2.49 14.88
CA PRO A 105 -1.73 3.85 14.81
C PRO A 105 -1.27 4.38 16.17
N ARG A 106 -1.89 3.91 17.26
CA ARG A 106 -1.49 4.33 18.60
C ARG A 106 -0.06 3.90 18.91
N LEU A 107 0.22 2.63 18.67
CA LEU A 107 1.55 2.08 18.93
C LEU A 107 2.55 2.70 17.96
N GLY A 108 2.11 2.95 16.73
CA GLY A 108 2.93 3.59 15.73
C GLY A 108 3.35 4.99 16.15
N LYS A 109 2.48 5.69 16.85
CA LYS A 109 2.79 7.05 17.30
C LYS A 109 3.92 7.02 18.33
N GLU A 110 3.88 6.03 19.22
CA GLU A 110 4.91 5.90 20.25
C GLU A 110 6.28 5.74 19.62
N ALA A 111 6.35 4.88 18.60
CA ALA A 111 7.62 4.63 17.91
C ALA A 111 8.05 5.87 17.15
N ALA A 112 7.09 6.54 16.52
CA ALA A 112 7.37 7.72 15.71
C ALA A 112 7.88 8.87 16.59
N THR A 113 7.27 9.04 17.76
CA THR A 113 7.68 10.09 18.69
C THR A 113 9.13 9.89 19.12
N LYS A 114 9.51 8.66 19.42
CA LYS A 114 10.87 8.35 19.83
C LYS A 114 11.86 8.63 18.69
N ALA A 115 11.48 8.24 17.46
CA ALA A 115 12.33 8.49 16.30
C ALA A 115 12.49 9.98 16.06
N ILE A 116 11.40 10.73 16.18
CA ILE A 116 11.42 12.17 15.96
C ILE A 116 12.23 12.87 17.05
N LYS A 117 12.14 12.35 18.28
CA LYS A 117 12.92 12.90 19.39
C LYS A 117 14.42 12.73 19.14
N GLU A 118 14.81 11.53 18.72
CA GLU A 118 16.21 11.26 18.40
C GLU A 118 16.66 12.16 17.26
N TRP A 119 15.80 12.29 16.25
CA TRP A 119 16.09 13.08 15.06
C TRP A 119 16.48 14.52 15.42
N GLY A 120 15.68 15.16 16.27
CA GLY A 120 16.02 16.47 16.80
C GLY A 120 15.48 17.64 15.99
N GLN A 121 14.76 17.35 14.91
CA GLN A 121 14.18 18.38 14.07
C GLN A 121 12.70 18.53 14.35
N PRO A 122 12.13 19.72 14.08
CA PRO A 122 10.68 19.89 14.22
C PRO A 122 9.90 18.96 13.29
N LYS A 123 8.81 18.39 13.80
CA LYS A 123 8.02 17.43 13.03
C LYS A 123 7.39 18.06 11.79
N SER A 124 7.40 19.38 11.73
CA SER A 124 6.88 20.09 10.55
C SER A 124 7.83 19.94 9.36
N LYS A 125 9.04 19.46 9.63
CA LYS A 125 10.02 19.21 8.57
C LYS A 125 9.80 17.84 7.91
N ILE A 126 8.90 17.04 8.47
CA ILE A 126 8.54 15.76 7.87
C ILE A 126 7.65 16.01 6.67
N THR A 127 8.08 15.52 5.50
CA THR A 127 7.39 15.79 4.24
C THR A 127 6.68 14.55 3.70
N HIS A 128 7.17 13.37 4.08
CA HIS A 128 6.59 12.11 3.62
C HIS A 128 6.34 11.17 4.79
N LEU A 129 5.28 10.37 4.68
CA LEU A 129 4.96 9.34 5.66
C LEU A 129 4.65 8.02 4.96
N VAL A 130 5.45 6.99 5.26
CA VAL A 130 5.18 5.63 4.80
C VAL A 130 4.76 4.80 6.00
N PHE A 131 3.49 4.41 6.03
CA PHE A 131 2.97 3.58 7.11
C PHE A 131 2.70 2.17 6.60
N CYS A 132 3.16 1.18 7.34
CA CYS A 132 3.02 -0.22 6.95
C CYS A 132 2.44 -1.05 8.09
N THR A 133 1.47 -1.91 7.76
CA THR A 133 0.91 -2.84 8.73
C THR A 133 0.28 -4.04 8.04
N THR A 134 0.20 -5.14 8.77
CA THR A 134 -0.50 -6.35 8.31
C THR A 134 -1.69 -6.61 9.22
N SER A 135 -1.95 -5.68 10.14
CA SER A 135 -3.00 -5.85 11.14
C SER A 135 -4.16 -4.88 10.88
N GLY A 136 -5.17 -5.37 10.18
CA GLY A 136 -6.38 -4.61 9.93
C GLY A 136 -6.27 -3.68 8.74
N VAL A 137 -7.43 -3.23 8.25
CA VAL A 137 -7.50 -2.25 7.18
C VAL A 137 -8.66 -1.29 7.46
N ASP A 138 -8.54 -0.05 6.99
CA ASP A 138 -9.57 0.95 7.24
C ASP A 138 -9.39 2.15 6.31
N MET A 139 -10.48 2.91 6.12
CA MET A 139 -10.46 4.12 5.29
C MET A 139 -11.16 5.27 6.02
N PRO A 140 -10.45 6.39 6.28
CA PRO A 140 -9.03 6.65 6.02
C PRO A 140 -8.15 5.68 6.80
N GLY A 141 -6.91 5.48 6.34
CA GLY A 141 -6.04 4.45 6.90
C GLY A 141 -5.29 4.88 8.14
N ALA A 142 -4.44 3.98 8.63
CA ALA A 142 -3.63 4.25 9.81
C ALA A 142 -2.65 5.39 9.58
N ASP A 143 -2.30 5.62 8.31
CA ASP A 143 -1.42 6.72 7.95
C ASP A 143 -2.08 8.05 8.27
N TYR A 144 -3.38 8.14 7.96
CA TYR A 144 -4.16 9.33 8.28
C TYR A 144 -4.28 9.50 9.79
N GLN A 145 -4.58 8.40 10.50
CA GLN A 145 -4.74 8.45 11.93
C GLN A 145 -3.45 8.91 12.61
N LEU A 146 -2.33 8.34 12.18
CA LEU A 146 -1.03 8.73 12.74
C LEU A 146 -0.75 10.20 12.50
N THR A 147 -1.05 10.68 11.30
CA THR A 147 -0.87 12.09 10.94
C THR A 147 -1.65 12.98 11.90
N LYS A 148 -2.83 12.52 12.28
CA LYS A 148 -3.71 13.26 13.19
C LYS A 148 -3.18 13.20 14.62
N LEU A 149 -2.75 12.02 15.05
CA LEU A 149 -2.23 11.83 16.40
C LEU A 149 -0.93 12.59 16.63
N LEU A 150 -0.06 12.61 15.62
CA LEU A 150 1.25 13.24 15.75
C LEU A 150 1.22 14.74 15.51
N GLY A 151 0.19 15.22 14.81
CA GLY A 151 0.11 16.62 14.46
C GLY A 151 1.06 16.99 13.35
N LEU A 152 1.24 16.08 12.39
CA LEU A 152 2.05 16.36 11.21
C LEU A 152 1.34 17.38 10.34
N ARG A 153 2.08 17.98 9.41
CA ARG A 153 1.48 18.92 8.47
C ARG A 153 0.38 18.22 7.67
N PRO A 154 -0.72 18.93 7.37
CA PRO A 154 -1.79 18.28 6.60
C PRO A 154 -1.37 17.91 5.19
N TYR A 155 -0.34 18.56 4.67
CA TYR A 155 0.12 18.33 3.31
C TYR A 155 1.30 17.34 3.25
N VAL A 156 1.43 16.51 4.28
CA VAL A 156 2.41 15.43 4.26
C VAL A 156 2.01 14.43 3.18
N LYS A 157 2.98 13.93 2.42
CA LYS A 157 2.72 12.98 1.35
C LYS A 157 2.72 11.55 1.89
N ARG A 158 1.54 10.95 1.94
CA ARG A 158 1.34 9.68 2.62
C ARG A 158 1.32 8.49 1.67
N LEU A 159 1.86 7.37 2.15
CA LEU A 159 1.74 6.08 1.47
C LEU A 159 1.34 5.01 2.49
N MET A 160 0.17 4.43 2.28
CA MET A 160 -0.38 3.43 3.19
C MET A 160 -0.18 2.04 2.61
N MET A 161 0.62 1.23 3.30
N MET A 161 0.58 1.21 3.32
CA MET A 161 0.90 -0.13 2.88
CA MET A 161 0.92 -0.13 2.87
C MET A 161 0.19 -1.13 3.79
C MET A 161 0.24 -1.19 3.74
N TYR A 162 -0.91 -1.68 3.29
CA TYR A 162 -1.68 -2.66 4.04
C TYR A 162 -1.43 -4.09 3.58
N GLN A 163 -1.44 -5.02 4.54
CA GLN A 163 -1.58 -6.45 4.27
C GLN A 163 -0.47 -7.05 3.38
N GLN A 164 0.78 -6.66 3.63
N GLN A 164 0.77 -6.66 3.63
CA GLN A 164 1.90 -7.17 2.84
CA GLN A 164 1.90 -7.15 2.84
C GLN A 164 2.65 -8.29 3.54
C GLN A 164 2.64 -8.29 3.55
N GLY A 165 2.68 -8.23 4.87
CA GLY A 165 3.32 -9.28 5.64
C GLY A 165 4.80 -9.05 5.93
N CSD A 166 5.50 -10.16 6.20
CA CSD A 166 6.81 -10.11 6.80
CB CSD A 166 7.19 -11.52 7.10
SG CSD A 166 6.18 -12.19 8.40
C CSD A 166 7.89 -9.49 5.97
O CSD A 166 8.89 -9.08 6.62
OD1 CSD A 166 4.78 -12.42 8.14
OD2 CSD A 166 6.85 -12.97 9.45
HA CSD A 166 6.75 -9.62 7.64
HB2 CSD A 166 8.12 -11.55 7.36
HB3 CSD A 166 7.06 -12.06 6.30
N PHE A 167 7.76 -9.37 4.65
CA PHE A 167 8.84 -8.83 3.84
C PHE A 167 8.82 -7.30 3.76
N ALA A 168 7.74 -6.70 4.26
CA ALA A 168 7.48 -5.28 4.04
C ALA A 168 8.49 -4.37 4.73
N GLY A 169 9.22 -4.90 5.70
CA GLY A 169 10.28 -4.15 6.34
C GLY A 169 11.31 -3.68 5.34
N GLY A 170 11.58 -4.52 4.35
CA GLY A 170 12.47 -4.18 3.27
C GLY A 170 11.81 -3.27 2.25
N THR A 171 10.50 -3.49 2.05
CA THR A 171 9.74 -2.72 1.07
C THR A 171 9.67 -1.24 1.43
N VAL A 172 9.41 -0.95 2.69
CA VAL A 172 9.25 0.44 3.11
C VAL A 172 10.57 1.20 2.99
N LEU A 173 11.68 0.51 3.23
CA LEU A 173 13.00 1.14 3.06
C LEU A 173 13.24 1.41 1.58
N ARG A 174 12.90 0.42 0.76
CA ARG A 174 13.01 0.53 -0.69
C ARG A 174 12.20 1.72 -1.20
N LEU A 175 11.03 1.93 -0.61
CA LEU A 175 10.17 3.05 -0.96
C LEU A 175 10.75 4.39 -0.50
N ALA A 176 11.03 4.51 0.79
CA ALA A 176 11.55 5.73 1.37
C ALA A 176 12.82 6.19 0.65
N LYS A 177 13.61 5.23 0.17
CA LYS A 177 14.84 5.54 -0.53
C LYS A 177 14.58 6.40 -1.77
N ASP A 178 13.63 5.98 -2.60
CA ASP A 178 13.32 6.72 -3.83
C ASP A 178 12.63 8.04 -3.53
N LEU A 179 11.81 8.07 -2.49
CA LEU A 179 11.13 9.30 -2.08
C LEU A 179 12.14 10.36 -1.62
N ALA A 180 13.13 9.92 -0.84
CA ALA A 180 14.11 10.85 -0.26
C ALA A 180 15.09 11.34 -1.32
N GLU A 181 15.51 10.44 -2.19
CA GLU A 181 16.57 10.74 -3.15
C GLU A 181 16.08 11.54 -4.35
N ASN A 182 14.77 11.44 -4.64
CA ASN A 182 14.20 12.13 -5.79
C ASN A 182 13.56 13.47 -5.44
N ASN A 183 13.56 13.82 -4.15
CA ASN A 183 12.94 15.06 -3.69
C ASN A 183 13.83 15.83 -2.73
N LYS A 184 14.27 17.01 -3.16
CA LYS A 184 15.17 17.84 -2.37
C LYS A 184 14.51 18.29 -1.08
N GLY A 185 15.24 18.14 0.03
CA GLY A 185 14.75 18.55 1.33
C GLY A 185 13.75 17.57 1.92
N ALA A 186 13.54 16.44 1.25
CA ALA A 186 12.56 15.47 1.70
C ALA A 186 13.05 14.72 2.94
N ARG A 187 12.15 14.59 3.92
CA ARG A 187 12.42 13.82 5.12
C ARG A 187 11.25 12.85 5.34
N VAL A 188 11.54 11.57 5.18
CA VAL A 188 10.51 10.53 5.18
C VAL A 188 10.39 9.84 6.52
N LEU A 189 9.21 9.93 7.14
CA LEU A 189 8.91 9.14 8.32
C LEU A 189 8.35 7.80 7.90
N VAL A 190 9.07 6.73 8.24
CA VAL A 190 8.62 5.37 7.97
C VAL A 190 8.16 4.75 9.28
N VAL A 191 6.97 4.16 9.28
CA VAL A 191 6.44 3.48 10.44
C VAL A 191 5.88 2.11 10.08
N CYS A 192 6.36 1.08 10.75
CA CYS A 192 5.78 -0.26 10.68
C CYS A 192 5.19 -0.60 12.04
N SER A 193 3.90 -0.95 12.06
CA SER A 193 3.22 -1.30 13.30
C SER A 193 2.40 -2.56 13.11
N GLU A 194 2.56 -3.51 14.03
CA GLU A 194 1.97 -4.83 13.91
C GLU A 194 1.35 -5.30 15.23
N ILE A 195 0.10 -5.76 15.15
CA ILE A 195 -0.64 -6.24 16.31
C ILE A 195 -1.30 -7.58 15.96
N THR A 196 -0.97 -8.62 16.73
CA THR A 196 -1.42 -9.97 16.40
C THR A 196 -2.86 -10.26 16.85
N ALA A 197 -3.59 -9.22 17.22
CA ALA A 197 -5.00 -9.37 17.60
C ALA A 197 -5.83 -9.87 16.42
N VAL A 198 -5.35 -9.62 15.20
CA VAL A 198 -6.08 -10.02 14.00
C VAL A 198 -5.83 -11.48 13.66
N THR A 199 -4.75 -12.05 14.18
CA THR A 199 -4.34 -13.41 13.82
C THR A 199 -4.44 -14.40 14.99
N PHE A 200 -4.61 -13.89 16.21
CA PHE A 200 -4.73 -14.75 17.38
C PHE A 200 -5.97 -15.63 17.29
N ARG A 201 -5.82 -16.91 17.58
CA ARG A 201 -6.96 -17.82 17.60
C ARG A 201 -6.65 -19.11 18.34
N GLY A 202 -7.70 -19.86 18.66
CA GLY A 202 -7.55 -21.10 19.40
C GLY A 202 -6.84 -22.16 18.60
N PRO A 203 -6.45 -23.26 19.26
CA PRO A 203 -5.69 -24.34 18.62
C PRO A 203 -6.56 -25.37 17.90
N SER A 204 -6.00 -26.00 16.87
CA SER A 204 -6.67 -27.07 16.14
C SER A 204 -5.71 -28.22 15.86
N ASP A 205 -6.18 -29.45 16.11
CA ASP A 205 -5.34 -30.64 15.97
C ASP A 205 -4.85 -30.87 14.55
N THR A 206 -5.67 -30.49 13.57
CA THR A 206 -5.36 -30.75 12.16
C THR A 206 -4.88 -29.50 11.42
N HIS A 207 -4.52 -28.46 12.16
CA HIS A 207 -3.98 -27.24 11.55
C HIS A 207 -2.78 -26.74 12.35
N LEU A 208 -1.71 -27.53 12.35
CA LEU A 208 -0.54 -27.22 13.16
C LEU A 208 0.23 -26.01 12.65
N ASP A 209 0.08 -25.70 11.37
CA ASP A 209 0.74 -24.53 10.81
C ASP A 209 0.18 -23.25 11.42
N SER A 210 -1.09 -23.27 11.80
CA SER A 210 -1.70 -22.13 12.48
C SER A 210 -1.14 -22.00 13.89
N LEU A 211 -0.86 -23.14 14.53
CA LEU A 211 -0.25 -23.14 15.86
C LEU A 211 1.14 -22.52 15.83
N VAL A 212 1.88 -22.76 14.74
CA VAL A 212 3.20 -22.17 14.57
C VAL A 212 3.13 -20.65 14.72
N GLY A 213 2.10 -20.06 14.13
CA GLY A 213 1.90 -18.63 14.21
C GLY A 213 1.73 -18.17 15.65
N GLN A 214 0.95 -18.93 16.42
CA GLN A 214 0.66 -18.58 17.80
C GLN A 214 1.92 -18.62 18.67
N ALA A 215 2.91 -19.38 18.23
CA ALA A 215 4.15 -19.54 18.98
C ALA A 215 5.18 -18.48 18.63
N LEU A 216 5.08 -17.91 17.42
CA LEU A 216 6.13 -17.06 16.88
C LEU A 216 5.81 -15.57 16.83
N PHE A 217 4.58 -15.21 16.48
CA PHE A 217 4.26 -13.80 16.21
C PHE A 217 4.04 -12.96 17.47
N GLY A 218 4.66 -11.78 17.49
CA GLY A 218 4.51 -10.83 18.58
C GLY A 218 4.12 -9.45 18.05
N ASP A 219 3.86 -8.53 18.97
CA ASP A 219 3.45 -7.17 18.61
C ASP A 219 4.62 -6.20 18.76
N GLY A 220 4.60 -5.14 17.96
CA GLY A 220 5.60 -4.10 18.06
C GLY A 220 5.52 -3.11 16.92
N ALA A 221 6.10 -1.93 17.14
CA ALA A 221 6.16 -0.90 16.12
C ALA A 221 7.56 -0.29 16.07
N ALA A 222 8.01 0.04 14.87
CA ALA A 222 9.29 0.69 14.68
C ALA A 222 9.14 1.85 13.72
N ALA A 223 9.86 2.93 13.99
CA ALA A 223 9.82 4.12 13.15
C ALA A 223 11.22 4.55 12.74
N VAL A 224 11.34 5.08 11.54
CA VAL A 224 12.62 5.55 11.02
C VAL A 224 12.43 6.88 10.27
N ILE A 225 13.40 7.77 10.42
CA ILE A 225 13.46 8.98 9.59
C ILE A 225 14.53 8.77 8.52
N ILE A 226 14.15 9.00 7.27
CA ILE A 226 15.06 8.85 6.14
C ILE A 226 15.09 10.12 5.30
N GLY A 227 16.29 10.51 4.88
CA GLY A 227 16.45 11.66 4.03
C GLY A 227 17.81 11.66 3.38
N ALA A 228 17.94 12.39 2.26
CA ALA A 228 19.23 12.58 1.60
C ALA A 228 19.76 13.96 1.95
N ASP A 229 21.05 14.17 1.67
CA ASP A 229 21.69 15.46 1.92
C ASP A 229 21.53 15.88 3.37
N PRO A 230 22.14 15.14 4.30
CA PRO A 230 21.96 15.44 5.73
C PRO A 230 22.53 16.79 6.11
N LEU A 231 21.81 17.53 6.93
CA LEU A 231 22.31 18.82 7.41
C LEU A 231 23.52 18.59 8.31
N PRO A 232 24.67 19.19 7.97
CA PRO A 232 25.85 18.92 8.80
C PRO A 232 25.66 19.39 10.24
N GLU A 233 26.22 18.65 11.20
CA GLU A 233 26.17 19.00 12.63
C GLU A 233 24.79 18.75 13.25
N VAL A 234 23.73 19.13 12.55
CA VAL A 234 22.37 19.05 13.12
C VAL A 234 21.82 17.62 13.04
N GLU A 235 21.94 17.00 11.86
CA GLU A 235 21.47 15.65 11.65
C GLU A 235 22.62 14.65 11.71
N LYS A 236 22.32 13.45 12.21
CA LYS A 236 23.35 12.44 12.43
C LYS A 236 23.04 11.15 11.67
N PRO A 237 23.68 10.96 10.51
CA PRO A 237 23.53 9.73 9.73
C PRO A 237 23.87 8.46 10.51
N LEU A 238 23.04 7.42 10.34
CA LEU A 238 23.27 6.14 10.98
C LEU A 238 23.62 5.08 9.94
N PHE A 239 22.88 5.09 8.83
CA PHE A 239 23.10 4.16 7.73
C PHE A 239 22.77 4.83 6.40
N GLU A 240 23.34 4.31 5.32
CA GLU A 240 23.01 4.75 3.97
C GLU A 240 22.36 3.61 3.19
N LEU A 241 21.27 3.93 2.52
CA LEU A 241 20.56 2.97 1.68
C LEU A 241 21.15 3.01 0.27
N VAL A 242 21.86 1.95 -0.10
CA VAL A 242 22.62 1.95 -1.34
C VAL A 242 21.78 1.44 -2.52
N SER A 243 21.15 0.28 -2.34
CA SER A 243 20.26 -0.26 -3.36
C SER A 243 19.23 -1.19 -2.73
N ALA A 244 18.17 -1.48 -3.48
CA ALA A 244 17.08 -2.29 -2.97
C ALA A 244 16.47 -3.14 -4.08
N ALA A 245 16.36 -4.44 -3.82
CA ALA A 245 15.82 -5.39 -4.78
C ALA A 245 14.69 -6.22 -4.16
N GLN A 246 13.81 -6.73 -5.02
CA GLN A 246 12.75 -7.63 -4.60
C GLN A 246 12.60 -8.74 -5.62
N THR A 247 12.39 -9.97 -5.16
CA THR A 247 12.17 -11.08 -6.09
C THR A 247 11.31 -12.20 -5.50
N ILE A 248 10.75 -12.99 -6.41
CA ILE A 248 9.92 -14.13 -6.06
C ILE A 248 10.72 -15.40 -6.26
N LEU A 249 10.81 -16.23 -5.23
CA LEU A 249 11.64 -17.42 -5.27
C LEU A 249 11.06 -18.48 -6.21
N PRO A 250 11.93 -19.19 -6.96
CA PRO A 250 11.46 -20.24 -7.85
C PRO A 250 10.75 -21.38 -7.11
N ASP A 251 9.72 -21.94 -7.72
CA ASP A 251 9.02 -23.11 -7.19
C ASP A 251 8.49 -22.90 -5.77
N SER A 252 8.08 -21.68 -5.46
CA SER A 252 7.63 -21.34 -4.11
C SER A 252 6.15 -20.99 -4.05
N ASP A 253 5.40 -21.33 -5.09
CA ASP A 253 3.98 -20.99 -5.17
C ASP A 253 3.20 -21.53 -3.99
N GLY A 254 2.51 -20.63 -3.29
CA GLY A 254 1.64 -21.01 -2.20
C GLY A 254 2.35 -21.46 -0.95
N ALA A 255 3.65 -21.21 -0.87
CA ALA A 255 4.44 -21.58 0.32
C ALA A 255 3.83 -20.97 1.59
N ILE A 256 3.50 -19.69 1.52
CA ILE A 256 2.85 -18.97 2.61
C ILE A 256 1.63 -18.23 2.08
N ASP A 257 0.47 -18.49 2.70
CA ASP A 257 -0.77 -17.81 2.34
C ASP A 257 -1.44 -17.22 3.56
N GLY A 258 -2.02 -16.03 3.40
CA GLY A 258 -2.80 -15.40 4.45
C GLY A 258 -4.06 -14.76 3.88
N HIS A 259 -5.20 -15.16 4.43
CA HIS A 259 -6.49 -14.66 3.95
C HIS A 259 -7.23 -13.92 5.05
N LEU A 260 -7.80 -12.76 4.70
CA LEU A 260 -8.59 -11.98 5.64
C LEU A 260 -10.05 -12.36 5.50
N ARG A 261 -10.54 -13.12 6.47
CA ARG A 261 -11.88 -13.69 6.43
C ARG A 261 -12.72 -13.21 7.60
N GLU A 262 -13.96 -13.70 7.69
CA GLU A 262 -14.86 -13.32 8.77
C GLU A 262 -14.34 -13.84 10.12
N VAL A 263 -13.45 -14.83 10.07
CA VAL A 263 -12.83 -15.38 11.28
C VAL A 263 -11.52 -14.66 11.62
N GLY A 264 -11.24 -13.56 10.91
CA GLY A 264 -9.99 -12.85 11.08
C GLY A 264 -8.94 -13.25 10.05
N LEU A 265 -7.68 -12.92 10.33
CA LEU A 265 -6.60 -13.25 9.41
C LEU A 265 -6.10 -14.67 9.67
N THR A 266 -6.19 -15.52 8.64
CA THR A 266 -5.75 -16.90 8.75
C THR A 266 -4.33 -17.04 8.20
N PHE A 267 -3.62 -18.06 8.66
CA PHE A 267 -2.21 -18.25 8.34
C PHE A 267 -1.97 -19.69 7.89
N HIS A 268 -1.33 -19.86 6.74
CA HIS A 268 -1.14 -21.18 6.15
C HIS A 268 0.29 -21.39 5.64
N LEU A 269 0.85 -22.55 5.98
CA LEU A 269 2.18 -22.96 5.50
C LEU A 269 2.08 -24.28 4.75
N LEU A 270 2.53 -24.27 3.49
CA LEU A 270 2.39 -25.43 2.62
C LEU A 270 3.74 -26.07 2.29
N LYS A 271 4.78 -25.25 2.17
CA LYS A 271 6.08 -25.72 1.71
C LYS A 271 7.20 -25.38 2.69
N ASP A 272 8.37 -25.95 2.44
CA ASP A 272 9.54 -25.77 3.30
C ASP A 272 10.12 -24.38 3.12
N VAL A 273 9.66 -23.43 3.94
CA VAL A 273 10.08 -22.04 3.81
C VAL A 273 11.58 -21.89 4.11
N PRO A 274 12.08 -22.48 5.21
CA PRO A 274 13.53 -22.39 5.46
C PRO A 274 14.38 -22.95 4.33
N GLY A 275 13.97 -24.10 3.79
CA GLY A 275 14.68 -24.72 2.68
C GLY A 275 14.68 -23.87 1.44
N LEU A 276 13.53 -23.28 1.12
CA LEU A 276 13.40 -22.44 -0.07
C LEU A 276 14.27 -21.18 0.02
N ILE A 277 14.27 -20.55 1.19
CA ILE A 277 15.05 -19.33 1.38
C ILE A 277 16.55 -19.62 1.33
N SER A 278 17.00 -20.64 2.06
CA SER A 278 18.42 -20.95 2.12
C SER A 278 18.93 -21.42 0.76
N LYS A 279 18.07 -22.10 0.00
CA LYS A 279 18.45 -22.61 -1.31
C LYS A 279 18.72 -21.48 -2.33
N ASN A 280 18.05 -20.35 -2.16
CA ASN A 280 18.06 -19.29 -3.16
C ASN A 280 18.69 -17.97 -2.72
N ILE A 281 19.05 -17.85 -1.45
CA ILE A 281 19.45 -16.55 -0.91
C ILE A 281 20.78 -16.06 -1.48
N GLU A 282 21.70 -16.97 -1.78
CA GLU A 282 23.01 -16.56 -2.28
C GLU A 282 22.88 -15.88 -3.64
N LYS A 283 21.87 -16.27 -4.41
CA LYS A 283 21.64 -15.65 -5.71
C LYS A 283 21.31 -14.16 -5.55
N SER A 284 20.55 -13.83 -4.52
CA SER A 284 20.21 -12.44 -4.24
C SER A 284 21.42 -11.66 -3.72
N LEU A 285 22.28 -12.35 -2.96
CA LEU A 285 23.50 -11.73 -2.47
C LEU A 285 24.43 -11.39 -3.63
N ASN A 286 24.57 -12.31 -4.58
CA ASN A 286 25.40 -12.07 -5.75
C ASN A 286 24.90 -10.89 -6.57
N GLU A 287 23.60 -10.86 -6.81
CA GLU A 287 22.98 -9.80 -7.60
C GLU A 287 23.23 -8.43 -6.97
N ALA A 288 23.19 -8.39 -5.65
CA ALA A 288 23.30 -7.12 -4.93
C ALA A 288 24.75 -6.65 -4.82
N PHE A 289 25.68 -7.58 -4.59
CA PHE A 289 27.04 -7.23 -4.21
C PHE A 289 28.10 -7.46 -5.28
N LYS A 290 27.76 -8.20 -6.34
CA LYS A 290 28.70 -8.40 -7.44
C LYS A 290 29.10 -7.08 -8.10
N PRO A 291 28.15 -6.14 -8.25
CA PRO A 291 28.52 -4.83 -8.80
C PRO A 291 29.62 -4.11 -8.02
N ILE A 292 29.65 -4.27 -6.70
CA ILE A 292 30.61 -3.53 -5.88
C ILE A 292 31.73 -4.43 -5.36
N GLY A 293 31.86 -5.62 -5.94
CA GLY A 293 33.00 -6.49 -5.70
C GLY A 293 33.09 -7.08 -4.31
N ILE A 294 31.99 -7.66 -3.84
CA ILE A 294 31.98 -8.34 -2.55
C ILE A 294 31.44 -9.76 -2.72
N SER A 295 32.17 -10.73 -2.19
CA SER A 295 31.80 -12.14 -2.30
C SER A 295 31.86 -12.86 -0.96
N ASP A 296 32.54 -12.25 0.02
CA ASP A 296 32.64 -12.80 1.37
C ASP A 296 31.48 -12.30 2.22
N TRP A 297 30.49 -13.15 2.45
CA TRP A 297 29.28 -12.74 3.15
C TRP A 297 29.53 -12.51 4.64
N ASN A 298 30.67 -12.98 5.13
CA ASN A 298 31.07 -12.74 6.51
C ASN A 298 31.69 -11.35 6.71
N SER A 299 31.97 -10.67 5.59
CA SER A 299 32.51 -9.32 5.65
C SER A 299 31.40 -8.27 5.73
N LEU A 300 30.15 -8.73 5.70
CA LEU A 300 28.99 -7.84 5.81
C LEU A 300 28.41 -7.86 7.22
N PHE A 301 27.79 -6.77 7.64
CA PHE A 301 26.95 -6.81 8.83
C PHE A 301 25.53 -7.14 8.37
N TRP A 302 24.89 -8.03 9.12
CA TRP A 302 23.65 -8.67 8.69
C TRP A 302 22.42 -8.21 9.44
N ILE A 303 21.34 -8.00 8.70
CA ILE A 303 20.01 -7.86 9.24
C ILE A 303 19.09 -8.78 8.45
N ALA A 304 18.51 -9.78 9.12
CA ALA A 304 17.62 -10.72 8.45
C ALA A 304 16.33 -10.85 9.24
N HIS A 305 15.21 -10.91 8.53
CA HIS A 305 13.93 -11.10 9.18
C HIS A 305 13.89 -12.48 9.84
N PRO A 306 13.69 -12.52 11.17
CA PRO A 306 13.66 -13.81 11.87
C PRO A 306 12.26 -14.43 11.85
N GLY A 307 11.81 -14.86 10.68
CA GLY A 307 10.51 -15.49 10.54
C GLY A 307 10.38 -16.66 11.48
N GLY A 308 11.49 -17.38 11.65
CA GLY A 308 11.58 -18.46 12.59
C GLY A 308 13.04 -18.86 12.71
N PRO A 309 13.39 -19.57 13.79
CA PRO A 309 14.80 -19.95 13.99
C PRO A 309 15.34 -20.86 12.89
N ALA A 310 14.46 -21.62 12.23
CA ALA A 310 14.92 -22.56 11.21
C ALA A 310 15.44 -21.83 9.97
N ILE A 311 14.84 -20.69 9.66
CA ILE A 311 15.32 -19.87 8.54
C ILE A 311 16.75 -19.39 8.83
N LEU A 312 16.96 -18.87 10.04
CA LEU A 312 18.27 -18.38 10.43
C LEU A 312 19.31 -19.50 10.43
N ASP A 313 18.95 -20.63 11.01
CA ASP A 313 19.87 -21.76 11.12
C ASP A 313 20.31 -22.26 9.75
N GLN A 314 19.37 -22.40 8.83
CA GLN A 314 19.66 -22.97 7.51
C GLN A 314 20.37 -21.99 6.58
N VAL A 315 20.04 -20.70 6.71
CA VAL A 315 20.78 -19.67 5.98
C VAL A 315 22.21 -19.60 6.50
N GLU A 316 22.35 -19.64 7.81
CA GLU A 316 23.65 -19.63 8.46
C GLU A 316 24.49 -20.82 7.99
N SER A 317 23.86 -21.98 7.93
CA SER A 317 24.54 -23.21 7.54
C SER A 317 24.93 -23.19 6.07
N LYS A 318 23.99 -22.79 5.21
CA LYS A 318 24.20 -22.80 3.78
C LYS A 318 25.35 -21.88 3.36
N LEU A 319 25.42 -20.71 3.99
CA LEU A 319 26.41 -19.69 3.63
C LEU A 319 27.67 -19.79 4.48
N ALA A 320 27.65 -20.68 5.47
CA ALA A 320 28.76 -20.83 6.42
C ALA A 320 29.05 -19.50 7.10
N LEU A 321 28.00 -18.84 7.59
CA LEU A 321 28.15 -17.61 8.35
C LEU A 321 28.71 -17.91 9.73
N LYS A 322 29.56 -17.02 10.24
CA LYS A 322 30.02 -17.12 11.61
C LYS A 322 28.82 -16.88 12.53
N PRO A 323 28.85 -17.45 13.76
CA PRO A 323 27.73 -17.26 14.67
C PRO A 323 27.44 -15.77 14.95
N GLU A 324 28.48 -14.95 14.87
CA GLU A 324 28.37 -13.53 15.20
C GLU A 324 27.51 -12.73 14.22
N LYS A 325 27.38 -13.23 12.99
CA LYS A 325 26.73 -12.45 11.94
C LYS A 325 25.24 -12.22 12.25
N LEU A 326 24.54 -13.27 12.66
CA LEU A 326 23.11 -13.18 12.92
C LEU A 326 22.80 -13.00 14.42
N GLU A 327 23.78 -12.53 15.18
CA GLU A 327 23.60 -12.34 16.61
C GLU A 327 22.52 -11.29 16.90
N ALA A 328 22.59 -10.17 16.19
CA ALA A 328 21.62 -9.09 16.36
C ALA A 328 20.21 -9.56 16.00
N THR A 329 20.11 -10.33 14.93
CA THR A 329 18.84 -10.90 14.51
C THR A 329 18.25 -11.83 15.57
N ARG A 330 19.06 -12.76 16.05
CA ARG A 330 18.62 -13.73 17.05
C ARG A 330 18.26 -13.06 18.37
N GLN A 331 18.99 -11.98 18.71
CA GLN A 331 18.72 -11.22 19.92
C GLN A 331 17.30 -10.64 19.91
N VAL A 332 16.91 -10.07 18.77
CA VAL A 332 15.58 -9.48 18.65
C VAL A 332 14.50 -10.56 18.66
N LEU A 333 14.76 -11.66 17.97
CA LEU A 333 13.84 -12.79 17.97
C LEU A 333 13.63 -13.30 19.40
N SER A 334 14.72 -13.34 20.15
CA SER A 334 14.70 -13.83 21.52
C SER A 334 13.87 -12.94 22.43
N ASN A 335 13.97 -11.62 22.23
CA ASN A 335 13.37 -10.65 23.15
C ASN A 335 12.05 -10.06 22.70
N TYR A 336 11.65 -10.33 21.44
CA TYR A 336 10.44 -9.73 20.89
C TYR A 336 9.59 -10.70 20.08
N GLY A 337 10.21 -11.78 19.60
CA GLY A 337 9.53 -12.69 18.70
C GLY A 337 9.45 -12.11 17.31
N ASN A 338 8.63 -12.73 16.46
CA ASN A 338 8.46 -12.29 15.09
C ASN A 338 7.41 -11.18 14.99
N MET A 339 7.86 -9.94 14.94
CA MET A 339 6.98 -8.77 14.86
C MET A 339 6.74 -8.37 13.40
N SER A 340 6.78 -9.36 12.50
CA SER A 340 6.51 -9.14 11.09
C SER A 340 7.36 -8.00 10.51
N SER A 341 6.73 -7.02 9.87
CA SER A 341 7.45 -6.01 9.09
C SER A 341 8.37 -5.12 9.93
N ALA A 342 8.07 -4.99 11.21
CA ALA A 342 8.83 -4.11 12.09
C ALA A 342 10.16 -4.72 12.54
N CYS A 343 10.26 -6.05 12.46
CA CYS A 343 11.42 -6.77 12.98
C CYS A 343 12.77 -6.24 12.51
N VAL A 344 12.95 -6.13 11.20
CA VAL A 344 14.24 -5.75 10.64
C VAL A 344 14.66 -4.34 11.07
N LEU A 345 13.70 -3.52 11.45
CA LEU A 345 14.01 -2.16 11.94
C LEU A 345 14.43 -2.20 13.41
N PHE A 346 13.84 -3.11 14.18
CA PHE A 346 14.33 -3.38 15.54
C PHE A 346 15.77 -3.88 15.48
N ILE A 347 16.03 -4.78 14.54
CA ILE A 347 17.34 -5.39 14.40
C ILE A 347 18.35 -4.34 13.97
N LEU A 348 17.94 -3.45 13.07
CA LEU A 348 18.81 -2.37 12.64
C LEU A 348 19.18 -1.49 13.84
N ASP A 349 18.20 -1.25 14.71
CA ASP A 349 18.42 -0.46 15.92
C ASP A 349 19.37 -1.17 16.86
N GLU A 350 19.29 -2.50 16.90
CA GLU A 350 20.15 -3.32 17.74
C GLU A 350 21.60 -3.26 17.27
N VAL A 351 21.78 -3.26 15.96
CA VAL A 351 23.12 -3.25 15.37
C VAL A 351 23.88 -1.97 15.70
N ARG A 352 23.22 -0.83 15.60
CA ARG A 352 23.89 0.43 15.88
C ARG A 352 24.03 0.64 17.39
N ARG A 353 23.14 0.02 18.16
CA ARG A 353 23.26 0.05 19.62
C ARG A 353 24.53 -0.66 20.07
N LYS A 354 24.67 -1.93 19.68
CA LYS A 354 25.80 -2.74 20.12
C LYS A 354 27.10 -2.16 19.56
N SER A 355 27.02 -1.56 18.38
CA SER A 355 28.19 -0.93 17.77
C SER A 355 28.64 0.27 18.61
N THR A 356 27.67 1.09 19.03
CA THR A 356 27.97 2.26 19.84
C THR A 356 28.46 1.85 21.23
N GLU A 357 27.79 0.86 21.82
CA GLU A 357 28.15 0.38 23.14
C GLU A 357 29.57 -0.18 23.17
N LYS A 358 29.93 -0.95 22.15
CA LYS A 358 31.26 -1.54 22.06
C LYS A 358 32.31 -0.55 21.61
N GLY A 359 31.88 0.62 21.12
CA GLY A 359 32.79 1.64 20.65
C GLY A 359 33.50 1.22 19.38
N LEU A 360 32.74 0.70 18.43
CA LEU A 360 33.32 0.20 17.18
C LEU A 360 33.48 1.31 16.15
N ARG A 361 34.21 1.00 15.08
CA ARG A 361 34.60 1.99 14.08
C ARG A 361 33.41 2.54 13.29
N THR A 362 32.37 1.71 13.12
CA THR A 362 31.19 2.12 12.38
C THR A 362 29.89 1.65 13.04
N THR A 363 28.79 2.22 12.59
CA THR A 363 27.47 1.84 13.09
C THR A 363 27.05 0.44 12.65
N GLY A 364 27.81 -0.15 11.73
CA GLY A 364 27.54 -1.48 11.23
C GLY A 364 28.52 -2.51 11.75
N GLU A 365 28.67 -2.55 13.08
CA GLU A 365 29.56 -3.50 13.74
C GLU A 365 31.02 -3.36 13.28
N GLY A 366 31.40 -2.15 12.91
CA GLY A 366 32.76 -1.88 12.50
C GLY A 366 33.03 -2.21 11.03
N LEU A 367 32.01 -2.72 10.34
CA LEU A 367 32.12 -3.08 8.93
C LEU A 367 31.57 -1.98 8.04
N GLU A 368 31.99 -1.98 6.77
CA GLU A 368 31.58 -0.96 5.82
C GLU A 368 30.20 -1.26 5.22
N TRP A 369 30.07 -2.45 4.65
CA TRP A 369 28.86 -2.82 3.92
C TRP A 369 27.99 -3.80 4.71
N GLY A 370 26.69 -3.74 4.48
CA GLY A 370 25.75 -4.63 5.13
C GLY A 370 24.60 -4.99 4.22
N VAL A 371 23.79 -5.95 4.65
CA VAL A 371 22.63 -6.39 3.89
C VAL A 371 21.45 -6.56 4.82
N LEU A 372 20.28 -6.13 4.36
CA LEU A 372 19.03 -6.29 5.09
C LEU A 372 18.08 -7.17 4.28
N PHE A 373 17.58 -8.22 4.90
CA PHE A 373 16.67 -9.16 4.24
C PHE A 373 15.29 -9.17 4.88
N GLY A 374 14.27 -9.11 4.03
CA GLY A 374 12.90 -9.37 4.44
C GLY A 374 12.38 -10.59 3.70
N PHE A 375 11.69 -11.48 4.41
CA PHE A 375 11.11 -12.67 3.81
C PHE A 375 9.61 -12.70 4.08
N GLY A 376 8.81 -13.03 3.07
CA GLY A 376 7.37 -13.09 3.25
C GLY A 376 6.65 -13.84 2.15
N PRO A 377 5.31 -13.76 2.15
CA PRO A 377 4.47 -14.44 1.15
C PRO A 377 4.89 -14.15 -0.29
N GLY A 378 4.85 -15.17 -1.14
CA GLY A 378 5.30 -15.04 -2.52
C GLY A 378 5.74 -16.36 -3.14
N LEU A 379 6.85 -16.93 -2.66
CA LEU A 379 7.66 -16.40 -1.56
C LEU A 379 8.51 -15.21 -1.99
N THR A 380 8.36 -14.08 -1.30
CA THR A 380 9.06 -12.84 -1.66
C THR A 380 10.28 -12.59 -0.78
N VAL A 381 11.37 -12.18 -1.42
CA VAL A 381 12.59 -11.78 -0.72
C VAL A 381 12.96 -10.34 -1.08
N GLU A 382 13.02 -9.48 -0.07
CA GLU A 382 13.48 -8.11 -0.24
C GLU A 382 14.95 -8.03 0.17
N THR A 383 15.78 -7.43 -0.69
CA THR A 383 17.21 -7.29 -0.42
C THR A 383 17.63 -5.82 -0.47
N VAL A 384 18.10 -5.31 0.65
CA VAL A 384 18.57 -3.92 0.75
C VAL A 384 20.05 -3.89 1.10
N VAL A 385 20.84 -3.27 0.23
CA VAL A 385 22.26 -3.06 0.51
C VAL A 385 22.43 -1.84 1.38
N LEU A 386 23.20 -1.99 2.46
CA LEU A 386 23.43 -0.91 3.40
C LEU A 386 24.92 -0.57 3.47
N HIS A 387 25.20 0.69 3.79
CA HIS A 387 26.55 1.11 4.13
C HIS A 387 26.53 1.77 5.49
N SER A 388 27.52 1.46 6.32
CA SER A 388 27.59 2.00 7.67
C SER A 388 28.12 3.43 7.65
N VAL A 389 28.11 4.06 8.81
CA VAL A 389 28.63 5.41 8.99
C VAL A 389 29.75 5.38 10.02
N ALA A 390 30.77 6.20 9.81
CA ALA A 390 31.90 6.29 10.74
C ALA A 390 31.45 6.78 12.10
N VAL B 4 35.20 1.48 -4.12
CA VAL B 4 33.85 1.81 -4.54
C VAL B 4 33.10 2.53 -3.43
N THR B 5 32.49 3.67 -3.78
CA THR B 5 31.79 4.50 -2.81
C THR B 5 30.29 4.51 -3.07
N VAL B 6 29.52 4.87 -2.04
CA VAL B 6 28.07 4.98 -2.16
C VAL B 6 27.70 6.10 -3.12
N GLU B 7 28.44 7.20 -3.04
CA GLU B 7 28.19 8.36 -3.91
C GLU B 7 28.33 7.96 -5.38
N GLU B 8 29.34 7.14 -5.66
CA GLU B 8 29.59 6.64 -7.01
C GLU B 8 28.41 5.78 -7.51
N VAL B 9 27.86 4.95 -6.63
CA VAL B 9 26.72 4.12 -6.99
C VAL B 9 25.50 4.99 -7.30
N ARG B 10 25.26 5.99 -6.46
CA ARG B 10 24.09 6.85 -6.59
C ARG B 10 24.07 7.60 -7.93
N LYS B 11 25.22 8.10 -8.35
CA LYS B 11 25.30 8.90 -9.57
C LYS B 11 25.01 8.06 -10.81
N ALA B 12 25.40 6.79 -10.78
CA ALA B 12 25.18 5.89 -11.91
C ALA B 12 23.80 5.23 -11.85
N GLN B 13 23.14 5.35 -10.70
CA GLN B 13 21.90 4.63 -10.44
C GLN B 13 20.66 5.39 -10.89
N ARG B 14 20.71 6.72 -10.82
CA ARG B 14 19.54 7.56 -11.06
C ARG B 14 19.27 7.80 -12.55
N ALA B 15 18.03 8.15 -12.86
CA ALA B 15 17.65 8.55 -14.21
C ALA B 15 17.88 10.04 -14.37
N GLU B 16 17.71 10.53 -15.60
CA GLU B 16 18.03 11.92 -15.92
C GLU B 16 16.78 12.80 -15.97
N GLY B 17 15.84 12.44 -16.84
CA GLY B 17 14.71 13.29 -17.15
C GLY B 17 13.47 13.05 -16.31
N PRO B 18 12.37 13.74 -16.66
CA PRO B 18 11.10 13.63 -15.94
C PRO B 18 10.36 12.34 -16.22
N ALA B 19 9.55 11.88 -15.26
CA ALA B 19 8.70 10.72 -15.45
C ALA B 19 7.73 10.98 -16.58
N THR B 20 7.56 10.00 -17.45
CA THR B 20 6.80 10.19 -18.69
C THR B 20 5.83 9.03 -18.90
N VAL B 21 4.58 9.38 -19.21
CA VAL B 21 3.56 8.38 -19.53
C VAL B 21 3.76 7.91 -20.96
N LEU B 22 4.01 6.60 -21.11
CA LEU B 22 4.36 6.04 -22.41
C LEU B 22 3.22 5.23 -23.03
N ALA B 23 2.22 4.89 -22.23
CA ALA B 23 1.08 4.13 -22.72
C ALA B 23 -0.06 4.14 -21.72
N ILE B 24 -1.28 3.99 -22.22
CA ILE B 24 -2.46 3.92 -21.36
C ILE B 24 -3.42 2.85 -21.90
N GLY B 25 -3.81 1.92 -21.04
CA GLY B 25 -4.73 0.86 -21.40
C GLY B 25 -5.84 0.76 -20.38
N THR B 26 -7.06 0.49 -20.86
CA THR B 26 -8.22 0.40 -19.98
C THR B 26 -9.06 -0.83 -20.28
N ALA B 27 -9.82 -1.28 -19.29
CA ALA B 27 -10.64 -2.48 -19.43
C ALA B 27 -11.79 -2.46 -18.41
N THR B 28 -12.90 -3.09 -18.77
CA THR B 28 -14.04 -3.20 -17.88
C THR B 28 -14.64 -4.60 -17.97
N PRO B 29 -15.43 -4.99 -16.95
CA PRO B 29 -16.22 -6.21 -17.12
C PRO B 29 -17.14 -6.06 -18.33
N SER B 30 -17.49 -7.18 -18.96
CA SER B 30 -18.27 -7.14 -20.19
C SER B 30 -19.75 -6.82 -19.92
N ASN B 31 -20.17 -7.00 -18.68
CA ASN B 31 -21.58 -6.82 -18.30
C ASN B 31 -21.93 -5.35 -18.09
N CYS B 32 -22.62 -4.77 -19.07
CA CYS B 32 -23.01 -3.37 -19.03
C CYS B 32 -24.37 -3.17 -18.36
N VAL B 33 -24.43 -2.23 -17.42
CA VAL B 33 -25.65 -1.94 -16.67
C VAL B 33 -26.18 -0.55 -16.98
N ASP B 34 -27.40 -0.48 -17.50
CA ASP B 34 -28.05 0.78 -17.83
C ASP B 34 -28.48 1.52 -16.57
N GLN B 35 -28.14 2.81 -16.49
CA GLN B 35 -28.42 3.58 -15.28
C GLN B 35 -29.90 3.96 -15.18
N ALA B 36 -30.51 4.27 -16.32
CA ALA B 36 -31.89 4.73 -16.36
C ALA B 36 -32.85 3.74 -15.70
N THR B 37 -32.59 2.45 -15.89
CA THR B 37 -33.47 1.40 -15.36
C THR B 37 -32.84 0.67 -14.16
N TYR B 38 -31.70 1.15 -13.68
CA TYR B 38 -31.01 0.48 -12.58
C TYR B 38 -31.84 0.43 -11.30
N PRO B 39 -32.59 1.50 -10.99
CA PRO B 39 -33.43 1.43 -9.79
C PRO B 39 -34.43 0.27 -9.81
N ASP B 40 -35.08 0.04 -10.95
CA ASP B 40 -35.98 -1.10 -11.09
C ASP B 40 -35.23 -2.43 -10.88
N TYR B 41 -34.08 -2.57 -11.51
CA TYR B 41 -33.31 -3.79 -11.46
C TYR B 41 -32.73 -4.02 -10.06
N TYR B 42 -32.13 -2.99 -9.50
CA TYR B 42 -31.51 -3.06 -8.18
C TYR B 42 -32.50 -3.44 -7.08
N PHE B 43 -33.66 -2.78 -7.07
CA PHE B 43 -34.67 -3.05 -6.05
C PHE B 43 -35.33 -4.42 -6.27
N ARG B 44 -35.27 -4.93 -7.49
CA ARG B 44 -35.79 -6.26 -7.77
C ARG B 44 -34.84 -7.33 -7.25
N ILE B 45 -33.57 -7.22 -7.62
CA ILE B 45 -32.58 -8.23 -7.29
C ILE B 45 -32.26 -8.25 -5.79
N THR B 46 -32.50 -7.13 -5.11
CA THR B 46 -32.31 -7.05 -3.67
C THR B 46 -33.63 -7.24 -2.93
N ASN B 47 -34.64 -7.73 -3.64
CA ASN B 47 -35.93 -8.08 -3.04
C ASN B 47 -36.56 -6.94 -2.23
N SER B 48 -36.45 -5.71 -2.76
CA SER B 48 -36.92 -4.53 -2.04
C SER B 48 -37.99 -3.77 -2.83
N GLU B 49 -38.65 -4.44 -3.76
CA GLU B 49 -39.65 -3.79 -4.61
C GLU B 49 -40.77 -3.15 -3.80
N HIS B 50 -41.00 -3.66 -2.59
CA HIS B 50 -42.05 -3.13 -1.73
C HIS B 50 -41.69 -1.77 -1.13
N LYS B 51 -40.42 -1.39 -1.23
CA LYS B 51 -39.95 -0.12 -0.68
C LYS B 51 -40.11 1.01 -1.70
N THR B 52 -41.35 1.46 -1.85
CA THR B 52 -41.71 2.45 -2.87
C THR B 52 -41.00 3.78 -2.71
N GLU B 53 -41.16 4.41 -1.55
CA GLU B 53 -40.61 5.73 -1.28
C GLU B 53 -39.09 5.76 -1.46
N LEU B 54 -38.43 4.68 -1.05
CA LEU B 54 -36.98 4.61 -1.13
C LEU B 54 -36.54 4.46 -2.58
N LYS B 55 -37.27 3.64 -3.33
CA LYS B 55 -36.99 3.44 -4.75
C LYS B 55 -37.15 4.74 -5.53
N GLU B 56 -38.16 5.52 -5.14
CA GLU B 56 -38.38 6.83 -5.72
C GLU B 56 -37.17 7.72 -5.50
N LYS B 57 -36.64 7.69 -4.28
CA LYS B 57 -35.46 8.49 -3.95
C LYS B 57 -34.25 8.03 -4.74
N PHE B 58 -34.10 6.72 -4.90
CA PHE B 58 -32.97 6.16 -5.62
C PHE B 58 -33.06 6.49 -7.11
N GLN B 59 -34.28 6.58 -7.63
CA GLN B 59 -34.48 6.94 -9.03
C GLN B 59 -34.00 8.37 -9.27
N ARG B 60 -34.27 9.26 -8.32
CA ARG B 60 -33.82 10.63 -8.41
C ARG B 60 -32.30 10.73 -8.28
N MET B 61 -31.71 9.88 -7.42
CA MET B 61 -30.26 9.81 -7.30
C MET B 61 -29.64 9.43 -8.63
N CYS B 62 -30.14 8.34 -9.22
CA CYS B 62 -29.61 7.84 -10.47
C CYS B 62 -29.81 8.85 -11.60
N ASP B 63 -30.97 9.50 -11.62
CA ASP B 63 -31.26 10.51 -12.63
C ASP B 63 -30.32 11.70 -12.53
N LYS B 64 -29.92 12.05 -11.31
CA LYS B 64 -29.06 13.19 -11.07
C LYS B 64 -27.57 12.83 -11.21
N SER B 65 -27.28 11.54 -11.20
CA SER B 65 -25.90 11.05 -11.18
C SER B 65 -25.09 11.47 -12.41
N MET B 66 -25.80 11.82 -13.49
CA MET B 66 -25.16 12.11 -14.77
C MET B 66 -24.37 10.90 -15.29
N ILE B 67 -24.76 9.71 -14.85
CA ILE B 67 -24.18 8.46 -15.35
C ILE B 67 -25.17 7.80 -16.32
N LYS B 68 -24.70 7.43 -17.49
CA LYS B 68 -25.54 6.80 -18.51
C LYS B 68 -25.50 5.29 -18.35
N LYS B 69 -24.33 4.76 -18.01
CA LYS B 69 -24.17 3.33 -17.82
C LYS B 69 -22.93 2.99 -17.00
N ARG B 70 -22.90 1.76 -16.50
CA ARG B 70 -21.78 1.24 -15.75
C ARG B 70 -21.51 -0.18 -16.16
N TYR B 71 -20.32 -0.67 -15.83
CA TYR B 71 -19.97 -2.05 -16.06
C TYR B 71 -19.75 -2.70 -14.69
N MET B 72 -20.33 -3.88 -14.50
N MET B 72 -20.33 -3.88 -14.49
CA MET B 72 -20.30 -4.55 -13.20
CA MET B 72 -20.29 -4.54 -13.21
C MET B 72 -20.00 -6.04 -13.34
C MET B 72 -20.00 -6.03 -13.34
N TYR B 73 -19.02 -6.50 -12.58
CA TYR B 73 -18.70 -7.91 -12.51
C TYR B 73 -19.92 -8.68 -11.98
N LEU B 74 -20.62 -8.07 -11.03
CA LEU B 74 -21.80 -8.68 -10.45
C LEU B 74 -22.92 -8.76 -11.47
N THR B 75 -23.35 -9.99 -11.75
CA THR B 75 -24.48 -10.24 -12.62
C THR B 75 -25.65 -10.72 -11.78
N GLU B 76 -26.82 -10.81 -12.38
CA GLU B 76 -28.00 -11.33 -11.68
C GLU B 76 -27.75 -12.79 -11.29
N GLU B 77 -27.05 -13.53 -12.15
CA GLU B 77 -26.75 -14.93 -11.90
C GLU B 77 -25.88 -15.11 -10.66
N ILE B 78 -24.86 -14.27 -10.54
CA ILE B 78 -23.93 -14.36 -9.42
C ILE B 78 -24.64 -13.96 -8.13
N LEU B 79 -25.45 -12.90 -8.21
CA LEU B 79 -26.18 -12.42 -7.04
C LEU B 79 -27.19 -13.45 -6.55
N LYS B 80 -27.72 -14.26 -7.46
CA LYS B 80 -28.64 -15.33 -7.09
C LYS B 80 -27.93 -16.39 -6.25
N GLU B 81 -26.66 -16.65 -6.55
CA GLU B 81 -25.89 -17.66 -5.84
C GLU B 81 -25.25 -17.11 -4.57
N ASN B 82 -25.38 -15.80 -4.34
CA ASN B 82 -24.83 -15.16 -3.15
C ASN B 82 -25.85 -14.22 -2.49
N PRO B 83 -26.92 -14.80 -1.91
CA PRO B 83 -28.03 -14.00 -1.37
C PRO B 83 -27.62 -13.05 -0.24
N THR B 84 -26.60 -13.39 0.54
CA THR B 84 -26.16 -12.53 1.62
C THR B 84 -25.61 -11.21 1.08
N VAL B 85 -25.13 -11.21 -0.15
CA VAL B 85 -24.60 -10.02 -0.79
C VAL B 85 -25.72 -9.05 -1.16
N CYS B 86 -26.91 -9.59 -1.41
CA CYS B 86 -28.06 -8.78 -1.80
C CYS B 86 -28.70 -8.04 -0.63
N GLU B 87 -28.51 -8.56 0.59
CA GLU B 87 -29.08 -7.93 1.77
C GLU B 87 -28.31 -6.67 2.14
N TYR B 88 -28.93 -5.82 2.94
CA TYR B 88 -28.28 -4.57 3.33
C TYR B 88 -27.06 -4.84 4.21
N MET B 89 -27.23 -5.66 5.25
N MET B 89 -27.23 -5.67 5.24
CA MET B 89 -26.15 -6.01 6.14
CA MET B 89 -26.15 -6.00 6.15
C MET B 89 -26.27 -7.46 6.60
C MET B 89 -26.25 -7.45 6.62
N ALA B 90 -25.64 -8.35 5.86
CA ALA B 90 -25.59 -9.77 6.21
C ALA B 90 -24.15 -10.26 6.09
N PRO B 91 -23.75 -11.25 6.91
CA PRO B 91 -22.39 -11.77 6.81
C PRO B 91 -22.09 -12.29 5.41
N SER B 92 -21.15 -11.65 4.72
CA SER B 92 -20.93 -11.92 3.31
C SER B 92 -19.50 -11.63 2.83
N LEU B 93 -18.61 -11.29 3.75
CA LEU B 93 -17.25 -10.90 3.36
C LEU B 93 -16.51 -12.05 2.67
N ASP B 94 -16.69 -13.27 3.17
CA ASP B 94 -16.01 -14.41 2.59
C ASP B 94 -16.47 -14.64 1.15
N ALA B 95 -17.76 -14.49 0.91
CA ALA B 95 -18.30 -14.61 -0.44
C ALA B 95 -17.75 -13.50 -1.35
N ARG B 96 -17.66 -12.28 -0.81
CA ARG B 96 -17.16 -11.15 -1.58
C ARG B 96 -15.67 -11.30 -1.88
N GLN B 97 -14.90 -11.75 -0.89
CA GLN B 97 -13.46 -11.94 -1.06
C GLN B 97 -13.17 -12.99 -2.13
N ASP B 98 -13.91 -14.09 -2.10
CA ASP B 98 -13.72 -15.16 -3.07
C ASP B 98 -13.89 -14.64 -4.51
N MET B 99 -14.80 -13.69 -4.68
CA MET B 99 -15.01 -13.08 -6.00
C MET B 99 -13.84 -12.19 -6.42
N VAL B 100 -13.50 -11.20 -5.59
CA VAL B 100 -12.62 -10.12 -6.01
C VAL B 100 -11.14 -10.47 -5.97
N VAL B 101 -10.77 -11.45 -5.16
CA VAL B 101 -9.38 -11.91 -5.09
C VAL B 101 -8.96 -12.44 -6.47
N VAL B 102 -9.94 -12.94 -7.23
CA VAL B 102 -9.71 -13.43 -8.58
C VAL B 102 -9.91 -12.34 -9.63
N GLU B 103 -11.06 -11.68 -9.58
CA GLU B 103 -11.46 -10.74 -10.64
C GLU B 103 -10.56 -9.52 -10.74
N VAL B 104 -10.10 -9.01 -9.59
CA VAL B 104 -9.31 -7.79 -9.57
C VAL B 104 -8.01 -7.94 -10.36
N PRO B 105 -7.23 -8.99 -10.09
CA PRO B 105 -6.05 -9.18 -10.93
C PRO B 105 -6.38 -9.60 -12.37
N ARG B 106 -7.51 -10.27 -12.57
CA ARG B 106 -7.90 -10.70 -13.92
C ARG B 106 -8.19 -9.49 -14.80
N LEU B 107 -9.00 -8.57 -14.29
CA LEU B 107 -9.37 -7.39 -15.04
C LEU B 107 -8.15 -6.47 -15.18
N GLY B 108 -7.32 -6.46 -14.15
CA GLY B 108 -6.09 -5.69 -14.17
C GLY B 108 -5.13 -6.14 -15.26
N LYS B 109 -5.04 -7.45 -15.45
CA LYS B 109 -4.20 -8.01 -16.51
C LYS B 109 -4.71 -7.61 -17.89
N GLU B 110 -6.03 -7.58 -18.03
CA GLU B 110 -6.66 -7.17 -19.27
C GLU B 110 -6.24 -5.75 -19.64
N ALA B 111 -6.26 -4.85 -18.68
CA ALA B 111 -5.82 -3.46 -18.91
C ALA B 111 -4.32 -3.39 -19.14
N ALA B 112 -3.56 -4.17 -18.38
CA ALA B 112 -2.10 -4.17 -18.49
C ALA B 112 -1.65 -4.65 -19.87
N THR B 113 -2.32 -5.67 -20.39
CA THR B 113 -1.98 -6.22 -21.70
C THR B 113 -2.15 -5.17 -22.80
N LYS B 114 -3.20 -4.37 -22.70
CA LYS B 114 -3.44 -3.33 -23.69
C LYS B 114 -2.36 -2.26 -23.63
N ALA B 115 -2.03 -1.82 -22.42
CA ALA B 115 -1.00 -0.80 -22.24
C ALA B 115 0.33 -1.28 -22.81
N ILE B 116 0.69 -2.52 -22.49
CA ILE B 116 1.96 -3.09 -22.93
C ILE B 116 2.00 -3.18 -24.46
N LYS B 117 0.88 -3.51 -25.06
CA LYS B 117 0.81 -3.64 -26.51
C LYS B 117 1.05 -2.28 -27.18
N GLU B 118 0.42 -1.24 -26.65
CA GLU B 118 0.65 0.12 -27.14
C GLU B 118 2.10 0.52 -26.94
N TRP B 119 2.61 0.24 -25.74
CA TRP B 119 3.99 0.53 -25.37
C TRP B 119 4.97 -0.03 -26.41
N GLY B 120 4.79 -1.30 -26.75
CA GLY B 120 5.54 -1.92 -27.83
C GLY B 120 6.81 -2.64 -27.41
N GLN B 121 7.19 -2.48 -26.15
CA GLN B 121 8.40 -3.12 -25.63
C GLN B 121 8.08 -4.46 -24.99
N PRO B 122 9.11 -5.31 -24.82
CA PRO B 122 8.91 -6.59 -24.12
C PRO B 122 8.50 -6.38 -22.67
N LYS B 123 7.61 -7.22 -22.16
CA LYS B 123 7.13 -7.09 -20.79
C LYS B 123 8.25 -7.35 -19.79
N SER B 124 9.34 -7.95 -20.26
CA SER B 124 10.51 -8.18 -19.42
C SER B 124 11.28 -6.88 -19.14
N LYS B 125 10.95 -5.82 -19.87
CA LYS B 125 11.56 -4.52 -19.63
C LYS B 125 10.85 -3.78 -18.50
N ILE B 126 9.75 -4.34 -18.00
CA ILE B 126 9.06 -3.80 -16.85
C ILE B 126 9.86 -4.12 -15.59
N THR B 127 10.26 -3.07 -14.87
CA THR B 127 11.13 -3.22 -13.70
C THR B 127 10.38 -2.99 -12.40
N HIS B 128 9.23 -2.32 -12.47
CA HIS B 128 8.43 -1.98 -11.31
C HIS B 128 6.95 -2.23 -11.57
N LEU B 129 6.22 -2.67 -10.54
CA LEU B 129 4.78 -2.82 -10.61
C LEU B 129 4.12 -2.11 -9.43
N VAL B 130 3.26 -1.13 -9.73
CA VAL B 130 2.42 -0.51 -8.71
C VAL B 130 0.99 -0.97 -8.95
N PHE B 131 0.43 -1.72 -8.01
CA PHE B 131 -0.93 -2.21 -8.12
C PHE B 131 -1.80 -1.58 -7.05
N CYS B 132 -2.93 -1.01 -7.48
CA CYS B 132 -3.83 -0.31 -6.56
C CYS B 132 -5.26 -0.84 -6.68
N THR B 133 -5.90 -1.06 -5.54
CA THR B 133 -7.29 -1.51 -5.52
C THR B 133 -7.93 -1.25 -4.15
N THR B 134 -9.22 -0.95 -4.16
CA THR B 134 -10.01 -0.80 -2.94
C THR B 134 -10.90 -2.03 -2.74
N SER B 135 -10.71 -3.03 -3.59
CA SER B 135 -11.60 -4.19 -3.64
C SER B 135 -10.93 -5.45 -3.11
N GLY B 136 -11.06 -5.68 -1.81
CA GLY B 136 -10.55 -6.89 -1.20
C GLY B 136 -9.07 -6.83 -0.86
N VAL B 137 -8.63 -7.77 -0.04
CA VAL B 137 -7.22 -7.91 0.32
C VAL B 137 -6.86 -9.38 0.43
N ASP B 138 -5.59 -9.70 0.20
CA ASP B 138 -5.14 -11.10 0.24
C ASP B 138 -3.61 -11.15 0.33
N MET B 139 -3.08 -12.26 0.82
CA MET B 139 -1.63 -12.47 0.93
C MET B 139 -1.24 -13.80 0.30
N PRO B 140 -0.40 -13.79 -0.75
CA PRO B 140 0.14 -12.62 -1.45
C PRO B 140 -0.98 -11.83 -2.16
N GLY B 141 -0.70 -10.59 -2.51
CA GLY B 141 -1.72 -9.70 -3.02
C GLY B 141 -1.91 -9.75 -4.53
N ALA B 142 -2.77 -8.87 -5.02
CA ALA B 142 -3.09 -8.81 -6.43
C ALA B 142 -1.85 -8.52 -7.29
N ASP B 143 -0.85 -7.88 -6.70
CA ASP B 143 0.39 -7.57 -7.43
C ASP B 143 1.14 -8.85 -7.77
N TYR B 144 1.17 -9.79 -6.83
CA TYR B 144 1.78 -11.09 -7.08
C TYR B 144 1.00 -11.84 -8.15
N GLN B 145 -0.32 -11.86 -8.00
CA GLN B 145 -1.18 -12.57 -8.96
C GLN B 145 -1.02 -12.00 -10.36
N LEU B 146 -0.94 -10.67 -10.46
CA LEU B 146 -0.76 -10.03 -11.76
C LEU B 146 0.59 -10.38 -12.36
N THR B 147 1.62 -10.37 -11.52
CA THR B 147 2.97 -10.73 -11.96
C THR B 147 2.98 -12.15 -12.49
N LYS B 148 2.26 -13.02 -11.79
CA LYS B 148 2.14 -14.42 -12.16
C LYS B 148 1.39 -14.59 -13.49
N LEU B 149 0.20 -14.02 -13.55
CA LEU B 149 -0.66 -14.13 -14.74
C LEU B 149 -0.04 -13.51 -15.98
N LEU B 150 0.61 -12.36 -15.79
CA LEU B 150 1.14 -11.57 -16.90
C LEU B 150 2.51 -12.07 -17.37
N GLY B 151 3.17 -12.86 -16.52
CA GLY B 151 4.47 -13.42 -16.85
C GLY B 151 5.60 -12.41 -16.74
N LEU B 152 5.47 -11.47 -15.81
CA LEU B 152 6.53 -10.50 -15.60
C LEU B 152 7.72 -11.19 -14.94
N ARG B 153 8.89 -10.55 -15.01
CA ARG B 153 10.09 -11.13 -14.42
C ARG B 153 9.93 -11.29 -12.92
N PRO B 154 10.48 -12.38 -12.34
CA PRO B 154 10.28 -12.65 -10.92
C PRO B 154 10.82 -11.53 -10.03
N TYR B 155 11.82 -10.80 -10.53
CA TYR B 155 12.49 -9.77 -9.75
C TYR B 155 11.90 -8.38 -10.01
N VAL B 156 10.68 -8.34 -10.53
CA VAL B 156 9.99 -7.06 -10.68
C VAL B 156 9.76 -6.49 -9.29
N LYS B 157 9.99 -5.19 -9.14
CA LYS B 157 9.83 -4.52 -7.85
C LYS B 157 8.39 -4.07 -7.67
N ARG B 158 7.68 -4.73 -6.77
CA ARG B 158 6.24 -4.53 -6.61
C ARG B 158 5.89 -3.60 -5.45
N LEU B 159 4.84 -2.81 -5.65
CA LEU B 159 4.22 -2.06 -4.57
C LEU B 159 2.71 -2.27 -4.60
N MET B 160 2.20 -2.96 -3.58
CA MET B 160 0.77 -3.26 -3.47
C MET B 160 0.08 -2.21 -2.60
N MET B 161 -0.89 -1.52 -3.19
N MET B 161 -0.91 -1.53 -3.19
CA MET B 161 -1.65 -0.48 -2.49
CA MET B 161 -1.65 -0.47 -2.53
C MET B 161 -3.10 -0.90 -2.31
C MET B 161 -3.11 -0.88 -2.31
N TYR B 162 -3.42 -1.35 -1.10
CA TYR B 162 -4.77 -1.81 -0.78
C TYR B 162 -5.60 -0.74 -0.07
N GLN B 163 -6.90 -0.72 -0.38
CA GLN B 163 -7.91 -0.07 0.46
C GLN B 163 -7.69 1.43 0.69
N GLN B 164 -7.35 2.15 -0.38
N GLN B 164 -7.37 2.16 -0.37
CA GLN B 164 -7.10 3.59 -0.29
CA GLN B 164 -7.13 3.61 -0.25
C GLN B 164 -8.30 4.41 -0.76
C GLN B 164 -8.31 4.43 -0.77
N GLY B 165 -8.95 3.95 -1.83
CA GLY B 165 -10.12 4.62 -2.36
C GLY B 165 -9.82 5.58 -3.50
N CSD B 166 -10.70 6.57 -3.65
CA CSD B 166 -10.79 7.37 -4.83
CB CSD B 166 -12.02 8.19 -4.68
SG CSD B 166 -13.47 7.17 -4.63
C CSD B 166 -9.63 8.28 -5.11
O CSD B 166 -9.52 8.62 -6.32
OD1 CSD B 166 -13.65 6.29 -3.50
OD2 CSD B 166 -14.63 7.55 -5.44
HA CSD B 166 -10.91 6.78 -5.61
HB2 CSD B 166 -12.09 8.82 -5.42
HB3 CSD B 166 -11.96 8.69 -3.85
N PHE B 167 -8.81 8.66 -4.14
CA PHE B 167 -7.70 9.58 -4.42
C PHE B 167 -6.46 8.84 -4.92
N ALA B 168 -6.51 7.51 -4.90
CA ALA B 168 -5.32 6.70 -5.15
C ALA B 168 -4.84 6.81 -6.61
N GLY B 169 -5.72 7.26 -7.50
CA GLY B 169 -5.34 7.46 -8.89
C GLY B 169 -4.19 8.45 -9.02
N GLY B 170 -4.17 9.44 -8.12
CA GLY B 170 -3.09 10.39 -8.08
C GLY B 170 -1.90 9.86 -7.31
N THR B 171 -2.19 9.07 -6.27
CA THR B 171 -1.14 8.47 -5.45
C THR B 171 -0.20 7.60 -6.26
N VAL B 172 -0.76 6.76 -7.13
CA VAL B 172 0.05 5.82 -7.90
C VAL B 172 0.94 6.54 -8.90
N LEU B 173 0.46 7.67 -9.42
CA LEU B 173 1.26 8.48 -10.33
C LEU B 173 2.39 9.17 -9.57
N ARG B 174 2.07 9.69 -8.39
CA ARG B 174 3.08 10.29 -7.52
C ARG B 174 4.17 9.26 -7.20
N LEU B 175 3.74 8.03 -6.93
CA LEU B 175 4.66 6.94 -6.63
C LEU B 175 5.53 6.58 -7.83
N ALA B 176 4.89 6.30 -8.95
CA ALA B 176 5.59 5.88 -10.16
C ALA B 176 6.57 6.95 -10.61
N LYS B 177 6.22 8.20 -10.34
CA LYS B 177 7.07 9.33 -10.70
C LYS B 177 8.44 9.21 -10.05
N ASP B 178 8.46 8.97 -8.74
CA ASP B 178 9.71 8.84 -8.00
C ASP B 178 10.46 7.56 -8.36
N LEU B 179 9.72 6.48 -8.62
CA LEU B 179 10.34 5.20 -8.97
C LEU B 179 11.05 5.29 -10.33
N ALA B 180 10.42 5.96 -11.28
CA ALA B 180 10.97 6.10 -12.62
C ALA B 180 12.13 7.08 -12.69
N GLU B 181 12.01 8.19 -11.98
CA GLU B 181 12.98 9.28 -12.06
C GLU B 181 14.25 9.01 -11.26
N ASN B 182 14.15 8.14 -10.25
CA ASN B 182 15.29 7.84 -9.39
C ASN B 182 16.04 6.58 -9.79
N ASN B 183 15.55 5.89 -10.82
CA ASN B 183 16.16 4.63 -11.27
C ASN B 183 16.33 4.58 -12.78
N LYS B 184 17.59 4.59 -13.22
CA LYS B 184 17.92 4.56 -14.63
C LYS B 184 17.39 3.29 -15.29
N GLY B 185 16.69 3.45 -16.41
CA GLY B 185 16.16 2.32 -17.15
C GLY B 185 14.88 1.76 -16.57
N ALA B 186 14.41 2.37 -15.48
CA ALA B 186 13.19 1.91 -14.83
C ALA B 186 11.97 2.14 -15.71
N ARG B 187 11.14 1.11 -15.81
CA ARG B 187 9.86 1.20 -16.51
C ARG B 187 8.79 0.64 -15.58
N VAL B 188 7.85 1.51 -15.20
CA VAL B 188 6.86 1.19 -14.17
C VAL B 188 5.50 0.89 -14.78
N LEU B 189 5.01 -0.32 -14.52
CA LEU B 189 3.64 -0.66 -14.83
C LEU B 189 2.76 -0.27 -13.65
N VAL B 190 1.85 0.67 -13.87
CA VAL B 190 0.87 1.06 -12.86
C VAL B 190 -0.47 0.45 -13.24
N VAL B 191 -1.13 -0.20 -12.28
CA VAL B 191 -2.43 -0.79 -12.53
C VAL B 191 -3.40 -0.49 -11.39
N CYS B 192 -4.52 0.13 -11.74
CA CYS B 192 -5.63 0.34 -10.82
C CYS B 192 -6.80 -0.52 -11.28
N SER B 193 -7.32 -1.36 -10.39
CA SER B 193 -8.42 -2.26 -10.72
C SER B 193 -9.46 -2.28 -9.60
N GLU B 194 -10.71 -1.96 -9.95
CA GLU B 194 -11.77 -1.78 -8.96
C GLU B 194 -13.02 -2.58 -9.30
N ILE B 195 -13.51 -3.33 -8.32
CA ILE B 195 -14.69 -4.18 -8.47
C ILE B 195 -15.65 -3.93 -7.29
N THR B 196 -16.85 -3.46 -7.59
CA THR B 196 -17.80 -3.04 -6.55
C THR B 196 -18.48 -4.21 -5.84
N ALA B 197 -18.05 -5.43 -6.12
CA ALA B 197 -18.63 -6.61 -5.47
C ALA B 197 -18.44 -6.56 -3.95
N VAL B 198 -17.47 -5.76 -3.49
CA VAL B 198 -17.20 -5.62 -2.07
C VAL B 198 -18.14 -4.64 -1.37
N THR B 199 -18.70 -3.70 -2.13
CA THR B 199 -19.54 -2.65 -1.56
C THR B 199 -21.02 -2.80 -1.90
N PHE B 200 -21.32 -3.62 -2.92
CA PHE B 200 -22.70 -3.83 -3.32
C PHE B 200 -23.51 -4.41 -2.16
N ARG B 201 -24.65 -3.79 -1.87
CA ARG B 201 -25.55 -4.30 -0.83
C ARG B 201 -26.96 -3.79 -1.04
N GLY B 202 -27.91 -4.38 -0.31
CA GLY B 202 -29.30 -3.99 -0.42
C GLY B 202 -29.55 -2.60 0.12
N PRO B 203 -30.73 -2.04 -0.18
CA PRO B 203 -31.07 -0.68 0.24
C PRO B 203 -31.60 -0.61 1.66
N SER B 204 -31.30 0.48 2.36
CA SER B 204 -31.80 0.70 3.71
C SER B 204 -32.44 2.08 3.85
N ASP B 205 -33.62 2.11 4.45
CA ASP B 205 -34.37 3.34 4.67
C ASP B 205 -33.55 4.45 5.31
N THR B 206 -32.68 4.07 6.25
CA THR B 206 -32.01 5.04 7.11
C THR B 206 -30.50 5.08 6.92
N HIS B 207 -30.05 4.75 5.71
CA HIS B 207 -28.64 4.90 5.35
C HIS B 207 -28.51 5.29 3.88
N LEU B 208 -28.98 6.50 3.57
CA LEU B 208 -29.04 6.96 2.20
C LEU B 208 -27.66 7.25 1.61
N ASP B 209 -26.68 7.50 2.48
CA ASP B 209 -25.31 7.72 2.02
C ASP B 209 -24.74 6.46 1.39
N SER B 210 -25.13 5.31 1.92
CA SER B 210 -24.74 4.04 1.34
C SER B 210 -25.41 3.87 -0.02
N LEU B 211 -26.61 4.42 -0.14
CA LEU B 211 -27.40 4.29 -1.36
C LEU B 211 -26.78 5.13 -2.48
N VAL B 212 -26.14 6.24 -2.12
CA VAL B 212 -25.42 7.06 -3.08
C VAL B 212 -24.36 6.21 -3.80
N GLY B 213 -23.63 5.41 -3.03
CA GLY B 213 -22.61 4.55 -3.58
C GLY B 213 -23.14 3.57 -4.61
N GLN B 214 -24.31 3.01 -4.33
CA GLN B 214 -24.96 2.07 -5.24
C GLN B 214 -25.35 2.76 -6.54
N ALA B 215 -25.50 4.08 -6.50
CA ALA B 215 -25.86 4.85 -7.69
C ALA B 215 -24.62 5.27 -8.49
N LEU B 216 -23.48 5.43 -7.83
CA LEU B 216 -22.32 6.05 -8.46
C LEU B 216 -21.22 5.09 -8.88
N PHE B 217 -20.97 4.05 -8.08
CA PHE B 217 -19.77 3.24 -8.28
C PHE B 217 -19.92 2.17 -9.36
N GLY B 218 -18.94 2.11 -10.25
CA GLY B 218 -18.86 1.08 -11.28
C GLY B 218 -17.50 0.40 -11.28
N ASP B 219 -17.36 -0.65 -12.09
CA ASP B 219 -16.12 -1.41 -12.16
C ASP B 219 -15.25 -0.97 -13.33
N GLY B 220 -13.95 -1.18 -13.20
CA GLY B 220 -13.04 -0.89 -14.28
C GLY B 220 -11.59 -1.02 -13.87
N ALA B 221 -10.71 -1.13 -14.84
CA ALA B 221 -9.28 -1.16 -14.60
C ALA B 221 -8.55 -0.33 -15.64
N ALA B 222 -7.49 0.33 -15.21
CA ALA B 222 -6.64 1.12 -16.09
C ALA B 222 -5.18 0.81 -15.80
N ALA B 223 -4.36 0.82 -16.85
CA ALA B 223 -2.95 0.54 -16.71
C ALA B 223 -2.12 1.56 -17.47
N VAL B 224 -0.97 1.90 -16.89
CA VAL B 224 -0.09 2.91 -17.46
C VAL B 224 1.36 2.44 -17.37
N ILE B 225 2.11 2.66 -18.45
CA ILE B 225 3.56 2.48 -18.43
C ILE B 225 4.20 3.84 -18.20
N ILE B 226 5.04 3.94 -17.17
CA ILE B 226 5.73 5.19 -16.87
C ILE B 226 7.24 4.97 -16.77
N GLY B 227 8.00 5.87 -17.39
CA GLY B 227 9.44 5.80 -17.36
C GLY B 227 10.07 7.14 -17.67
N ALA B 228 11.32 7.31 -17.25
CA ALA B 228 12.10 8.49 -17.60
C ALA B 228 13.04 8.17 -18.75
N ASP B 229 13.56 9.21 -19.40
CA ASP B 229 14.50 9.05 -20.49
C ASP B 229 13.96 8.12 -21.57
N PRO B 230 12.85 8.49 -22.20
CA PRO B 230 12.25 7.66 -23.25
C PRO B 230 13.19 7.41 -24.42
N LEU B 231 13.19 6.19 -24.94
CA LEU B 231 14.03 5.84 -26.06
C LEU B 231 13.50 6.51 -27.33
N PRO B 232 14.38 7.20 -28.08
CA PRO B 232 13.85 7.87 -29.28
C PRO B 232 13.32 6.85 -30.30
N GLU B 233 12.26 7.23 -31.03
CA GLU B 233 11.60 6.40 -32.04
C GLU B 233 10.70 5.31 -31.44
N VAL B 234 11.30 4.38 -30.68
CA VAL B 234 10.57 3.18 -30.28
C VAL B 234 9.51 3.46 -29.22
N GLU B 235 9.81 4.39 -28.31
CA GLU B 235 8.85 4.77 -27.27
C GLU B 235 8.22 6.12 -27.61
N LYS B 236 6.92 6.24 -27.32
CA LYS B 236 6.16 7.44 -27.66
C LYS B 236 5.56 8.11 -26.42
N PRO B 237 6.20 9.20 -25.94
CA PRO B 237 5.68 9.95 -24.79
C PRO B 237 4.27 10.49 -25.01
N LEU B 238 3.46 10.50 -23.95
CA LEU B 238 2.09 11.02 -24.02
C LEU B 238 1.95 12.22 -23.10
N PHE B 239 2.38 12.05 -21.85
CA PHE B 239 2.36 13.11 -20.86
C PHE B 239 3.62 13.07 -20.01
N GLU B 240 3.95 14.21 -19.40
CA GLU B 240 5.05 14.27 -18.45
C GLU B 240 4.50 14.58 -17.07
N LEU B 241 5.02 13.88 -16.06
CA LEU B 241 4.68 14.12 -14.67
C LEU B 241 5.67 15.13 -14.08
N VAL B 242 5.17 16.32 -13.76
CA VAL B 242 6.03 17.42 -13.32
C VAL B 242 6.21 17.45 -11.80
N SER B 243 5.09 17.45 -11.08
CA SER B 243 5.10 17.46 -9.63
C SER B 243 3.86 16.77 -9.09
N ALA B 244 3.91 16.36 -7.82
CA ALA B 244 2.79 15.66 -7.20
C ALA B 244 2.69 16.01 -5.72
N ALA B 245 1.47 16.40 -5.31
CA ALA B 245 1.23 16.81 -3.93
C ALA B 245 0.03 16.07 -3.35
N GLN B 246 -0.03 16.02 -2.03
CA GLN B 246 -1.15 15.44 -1.32
C GLN B 246 -1.45 16.29 -0.10
N THR B 247 -2.74 16.43 0.24
CA THR B 247 -3.10 17.15 1.45
C THR B 247 -4.49 16.77 1.97
N ILE B 248 -4.68 17.01 3.25
CA ILE B 248 -5.95 16.76 3.93
C ILE B 248 -6.66 18.10 4.13
N LEU B 249 -7.92 18.18 3.71
CA LEU B 249 -8.65 19.44 3.76
C LEU B 249 -9.06 19.80 5.19
N PRO B 250 -9.07 21.10 5.52
CA PRO B 250 -9.49 21.52 6.86
C PRO B 250 -10.97 21.21 7.15
N ASP B 251 -11.28 20.91 8.41
CA ASP B 251 -12.65 20.70 8.85
C ASP B 251 -13.38 19.63 8.03
N SER B 252 -12.63 18.65 7.54
CA SER B 252 -13.20 17.59 6.73
C SER B 252 -13.14 16.24 7.45
N ASP B 253 -12.99 16.29 8.77
CA ASP B 253 -12.81 15.09 9.57
C ASP B 253 -14.01 14.16 9.46
N GLY B 254 -13.78 12.95 8.95
CA GLY B 254 -14.82 11.95 8.86
C GLY B 254 -15.82 12.21 7.75
N ALA B 255 -15.43 13.02 6.77
CA ALA B 255 -16.31 13.35 5.65
C ALA B 255 -16.64 12.11 4.81
N ILE B 256 -15.66 11.23 4.66
CA ILE B 256 -15.82 9.99 3.92
C ILE B 256 -15.11 8.85 4.66
N ASP B 257 -15.89 7.90 5.15
CA ASP B 257 -15.34 6.74 5.85
C ASP B 257 -15.70 5.45 5.13
N GLY B 258 -14.79 4.47 5.19
CA GLY B 258 -15.02 3.16 4.62
C GLY B 258 -14.46 2.09 5.55
N HIS B 259 -15.32 1.18 6.00
CA HIS B 259 -14.92 0.13 6.93
C HIS B 259 -15.11 -1.25 6.32
N LEU B 260 -14.06 -2.07 6.40
CA LEU B 260 -14.12 -3.45 5.92
C LEU B 260 -14.54 -4.36 7.07
N ARG B 261 -15.74 -4.92 6.96
CA ARG B 261 -16.33 -5.70 8.05
C ARG B 261 -16.92 -7.01 7.53
N GLU B 262 -17.56 -7.77 8.41
CA GLU B 262 -18.08 -9.08 8.05
C GLU B 262 -19.20 -8.97 7.02
N VAL B 263 -19.78 -7.78 6.89
CA VAL B 263 -20.80 -7.52 5.87
C VAL B 263 -20.18 -6.98 4.58
N GLY B 264 -18.85 -6.96 4.52
CA GLY B 264 -18.15 -6.39 3.38
C GLY B 264 -17.74 -4.95 3.64
N LEU B 265 -17.46 -4.23 2.56
CA LEU B 265 -17.01 -2.84 2.68
C LEU B 265 -18.19 -1.89 2.77
N THR B 266 -18.25 -1.15 3.87
CA THR B 266 -19.31 -0.17 4.08
C THR B 266 -18.82 1.21 3.65
N PHE B 267 -19.76 2.11 3.43
CA PHE B 267 -19.48 3.42 2.86
C PHE B 267 -20.32 4.48 3.56
N HIS B 268 -19.67 5.56 4.00
CA HIS B 268 -20.33 6.58 4.81
C HIS B 268 -19.97 8.00 4.38
N LEU B 269 -20.97 8.87 4.38
CA LEU B 269 -20.77 10.31 4.15
C LEU B 269 -21.30 11.08 5.35
N LEU B 270 -20.58 12.12 5.75
CA LEU B 270 -20.92 12.86 6.97
C LEU B 270 -20.86 14.38 6.77
N LYS B 271 -20.23 14.82 5.69
CA LYS B 271 -20.07 16.25 5.43
C LYS B 271 -20.25 16.57 3.95
N ASP B 272 -20.49 17.85 3.67
CA ASP B 272 -20.66 18.33 2.30
C ASP B 272 -19.35 18.22 1.51
N VAL B 273 -19.17 17.09 0.83
CA VAL B 273 -17.94 16.81 0.12
C VAL B 273 -17.72 17.77 -1.05
N PRO B 274 -18.77 18.02 -1.87
CA PRO B 274 -18.62 19.01 -2.93
C PRO B 274 -18.22 20.39 -2.41
N GLY B 275 -18.82 20.80 -1.29
CA GLY B 275 -18.52 22.10 -0.70
C GLY B 275 -17.10 22.20 -0.19
N LEU B 276 -16.61 21.13 0.41
CA LEU B 276 -15.26 21.10 0.97
C LEU B 276 -14.20 21.18 -0.12
N ILE B 277 -14.38 20.40 -1.18
CA ILE B 277 -13.42 20.38 -2.28
C ILE B 277 -13.39 21.72 -2.99
N SER B 278 -14.56 22.23 -3.34
CA SER B 278 -14.66 23.49 -4.08
C SER B 278 -14.06 24.64 -3.26
N LYS B 279 -14.27 24.60 -1.95
CA LYS B 279 -13.81 25.67 -1.07
C LYS B 279 -12.28 25.70 -0.94
N ASN B 280 -11.64 24.55 -1.13
CA ASN B 280 -10.21 24.42 -0.86
C ASN B 280 -9.33 24.16 -2.07
N ILE B 281 -9.94 23.81 -3.21
CA ILE B 281 -9.17 23.34 -4.35
C ILE B 281 -8.21 24.40 -4.90
N GLU B 282 -8.59 25.67 -4.78
CA GLU B 282 -7.76 26.74 -5.32
C GLU B 282 -6.44 26.89 -4.56
N LYS B 283 -6.41 26.44 -3.31
CA LYS B 283 -5.16 26.44 -2.54
C LYS B 283 -4.17 25.46 -3.13
N SER B 284 -4.68 24.30 -3.56
CA SER B 284 -3.84 23.28 -4.19
C SER B 284 -3.35 23.73 -5.55
N LEU B 285 -4.20 24.45 -6.27
CA LEU B 285 -3.84 24.99 -7.58
C LEU B 285 -2.71 26.00 -7.45
N ASN B 286 -2.84 26.93 -6.51
CA ASN B 286 -1.81 27.94 -6.29
C ASN B 286 -0.51 27.30 -5.82
N GLU B 287 -0.61 26.44 -4.82
CA GLU B 287 0.57 25.74 -4.28
C GLU B 287 1.33 25.02 -5.39
N ALA B 288 0.60 24.51 -6.37
CA ALA B 288 1.19 23.70 -7.43
C ALA B 288 1.68 24.54 -8.61
N PHE B 289 1.01 25.66 -8.90
CA PHE B 289 1.27 26.42 -10.12
C PHE B 289 1.89 27.80 -9.90
N LYS B 290 1.94 28.29 -8.67
CA LYS B 290 2.60 29.58 -8.42
C LYS B 290 4.08 29.50 -8.79
N PRO B 291 4.75 28.37 -8.48
CA PRO B 291 6.15 28.21 -8.92
C PRO B 291 6.32 28.24 -10.43
N ILE B 292 5.38 27.65 -11.17
CA ILE B 292 5.46 27.59 -12.63
C ILE B 292 5.14 28.95 -13.25
N GLY B 293 4.43 29.79 -12.50
CA GLY B 293 4.06 31.12 -12.98
C GLY B 293 2.73 31.12 -13.70
N ILE B 294 1.81 30.29 -13.22
CA ILE B 294 0.47 30.17 -13.79
C ILE B 294 -0.58 30.50 -12.73
N SER B 295 -1.56 31.31 -13.12
CA SER B 295 -2.65 31.69 -12.23
C SER B 295 -4.02 31.57 -12.90
N ASP B 296 -4.02 31.42 -14.23
CA ASP B 296 -5.26 31.22 -14.98
C ASP B 296 -5.53 29.72 -15.14
N TRP B 297 -6.57 29.24 -14.49
CA TRP B 297 -6.87 27.81 -14.47
C TRP B 297 -7.53 27.34 -15.77
N ASN B 298 -7.94 28.28 -16.60
CA ASN B 298 -8.53 27.96 -17.90
C ASN B 298 -7.46 27.74 -18.97
N SER B 299 -6.21 28.07 -18.64
CA SER B 299 -5.08 27.82 -19.54
C SER B 299 -4.57 26.39 -19.38
N LEU B 300 -5.08 25.70 -18.38
CA LEU B 300 -4.70 24.31 -18.11
C LEU B 300 -5.68 23.34 -18.76
N PHE B 301 -5.22 22.15 -19.12
CA PHE B 301 -6.12 21.06 -19.45
C PHE B 301 -6.36 20.27 -18.17
N TRP B 302 -7.60 19.83 -17.99
CA TRP B 302 -8.07 19.34 -16.69
C TRP B 302 -8.39 17.85 -16.68
N ILE B 303 -7.92 17.17 -15.63
CA ILE B 303 -8.37 15.83 -15.28
C ILE B 303 -8.79 15.85 -13.81
N ALA B 304 -10.05 15.53 -13.53
CA ALA B 304 -10.56 15.54 -12.17
C ALA B 304 -11.34 14.26 -11.89
N HIS B 305 -11.10 13.68 -10.71
CA HIS B 305 -11.84 12.49 -10.31
C HIS B 305 -13.34 12.82 -10.24
N PRO B 306 -14.16 12.11 -11.02
CA PRO B 306 -15.60 12.39 -11.00
C PRO B 306 -16.29 11.65 -9.86
N GLY B 307 -15.98 12.04 -8.62
CA GLY B 307 -16.59 11.44 -7.45
C GLY B 307 -18.10 11.48 -7.57
N GLY B 308 -18.59 12.63 -8.02
CA GLY B 308 -20.01 12.81 -8.29
C GLY B 308 -20.19 14.05 -9.13
N PRO B 309 -21.37 14.21 -9.73
CA PRO B 309 -21.59 15.39 -10.58
C PRO B 309 -21.56 16.69 -9.78
N ALA B 310 -21.96 16.63 -8.51
CA ALA B 310 -22.02 17.81 -7.66
C ALA B 310 -20.63 18.41 -7.46
N ILE B 311 -19.62 17.56 -7.30
CA ILE B 311 -18.25 18.02 -7.11
C ILE B 311 -17.77 18.79 -8.33
N LEU B 312 -18.00 18.22 -9.51
CA LEU B 312 -17.57 18.86 -10.74
C LEU B 312 -18.27 20.20 -10.95
N ASP B 313 -19.58 20.23 -10.69
CA ASP B 313 -20.38 21.43 -10.90
C ASP B 313 -19.96 22.57 -9.99
N GLN B 314 -19.61 22.25 -8.74
CA GLN B 314 -19.27 23.28 -7.76
C GLN B 314 -17.83 23.75 -7.92
N VAL B 315 -16.95 22.87 -8.35
CA VAL B 315 -15.57 23.26 -8.65
C VAL B 315 -15.56 24.16 -9.87
N GLU B 316 -16.39 23.83 -10.85
CA GLU B 316 -16.48 24.58 -12.10
C GLU B 316 -16.91 26.03 -11.86
N SER B 317 -17.94 26.22 -11.06
CA SER B 317 -18.46 27.56 -10.79
C SER B 317 -17.55 28.35 -9.85
N LYS B 318 -16.95 27.66 -8.88
CA LYS B 318 -16.10 28.31 -7.90
C LYS B 318 -14.86 28.92 -8.56
N LEU B 319 -14.28 28.19 -9.50
CA LEU B 319 -13.08 28.67 -10.22
C LEU B 319 -13.46 29.41 -11.50
N ALA B 320 -14.75 29.45 -11.82
CA ALA B 320 -15.22 30.01 -13.08
C ALA B 320 -14.55 29.35 -14.28
N LEU B 321 -14.56 28.02 -14.30
CA LEU B 321 -14.00 27.26 -15.42
C LEU B 321 -14.94 27.34 -16.61
N LYS B 322 -14.36 27.48 -17.80
CA LYS B 322 -15.14 27.39 -19.03
C LYS B 322 -15.74 25.98 -19.10
N PRO B 323 -17.00 25.86 -19.54
CA PRO B 323 -17.73 24.58 -19.46
C PRO B 323 -17.03 23.37 -20.11
N GLU B 324 -16.17 23.59 -21.10
CA GLU B 324 -15.55 22.47 -21.82
C GLU B 324 -14.26 21.98 -21.17
N LYS B 325 -13.85 22.63 -20.08
CA LYS B 325 -12.66 22.22 -19.34
C LYS B 325 -12.82 20.83 -18.73
N LEU B 326 -14.00 20.56 -18.17
CA LEU B 326 -14.27 19.27 -17.53
C LEU B 326 -15.02 18.33 -18.49
N GLU B 327 -14.91 18.59 -19.79
CA GLU B 327 -15.60 17.79 -20.78
C GLU B 327 -15.15 16.33 -20.75
N ALA B 328 -13.85 16.11 -20.78
CA ALA B 328 -13.31 14.75 -20.76
C ALA B 328 -13.68 14.02 -19.47
N THR B 329 -13.66 14.74 -18.37
CA THR B 329 -14.02 14.18 -17.07
C THR B 329 -15.47 13.71 -17.08
N ARG B 330 -16.37 14.60 -17.48
CA ARG B 330 -17.79 14.30 -17.50
C ARG B 330 -18.12 13.17 -18.47
N GLN B 331 -17.34 13.07 -19.54
CA GLN B 331 -17.54 12.04 -20.55
C GLN B 331 -17.31 10.66 -19.95
N VAL B 332 -16.28 10.55 -19.12
CA VAL B 332 -15.94 9.28 -18.49
C VAL B 332 -17.00 8.91 -17.45
N LEU B 333 -17.40 9.90 -16.66
CA LEU B 333 -18.45 9.70 -15.66
C LEU B 333 -19.73 9.18 -16.31
N SER B 334 -20.05 9.75 -17.47
CA SER B 334 -21.26 9.39 -18.18
C SER B 334 -21.21 7.95 -18.67
N ASN B 335 -20.04 7.52 -19.16
CA ASN B 335 -19.93 6.23 -19.82
C ASN B 335 -19.51 5.08 -18.90
N TYR B 336 -18.99 5.40 -17.72
CA TYR B 336 -18.42 4.39 -16.84
C TYR B 336 -18.85 4.51 -15.38
N GLY B 337 -19.31 5.70 -15.00
CA GLY B 337 -19.60 5.98 -13.59
C GLY B 337 -18.33 6.20 -12.81
N ASN B 338 -18.41 6.06 -11.49
CA ASN B 338 -17.28 6.28 -10.60
C ASN B 338 -16.52 4.98 -10.34
N MET B 339 -15.44 4.77 -11.09
CA MET B 339 -14.60 3.59 -10.96
C MET B 339 -13.46 3.79 -9.96
N SER B 340 -13.67 4.70 -9.01
CA SER B 340 -12.71 4.95 -7.94
C SER B 340 -11.32 5.32 -8.49
N SER B 341 -10.27 4.64 -8.03
CA SER B 341 -8.90 5.09 -8.32
C SER B 341 -8.55 5.05 -9.81
N ALA B 342 -9.26 4.24 -10.58
CA ALA B 342 -8.96 4.07 -12.00
C ALA B 342 -9.47 5.23 -12.86
N CYS B 343 -10.40 6.01 -12.32
CA CYS B 343 -11.09 7.05 -13.09
C CYS B 343 -10.19 8.02 -13.83
N VAL B 344 -9.28 8.66 -13.11
CA VAL B 344 -8.46 9.71 -13.70
C VAL B 344 -7.58 9.16 -14.83
N LEU B 345 -7.30 7.86 -14.78
CA LEU B 345 -6.49 7.23 -15.82
C LEU B 345 -7.31 6.99 -17.09
N PHE B 346 -8.59 6.70 -16.92
CA PHE B 346 -9.53 6.68 -18.04
C PHE B 346 -9.62 8.06 -18.67
N ILE B 347 -9.70 9.08 -17.82
CA ILE B 347 -9.87 10.45 -18.29
C ILE B 347 -8.61 10.92 -18.99
N LEU B 348 -7.46 10.55 -18.45
CA LEU B 348 -6.20 10.86 -19.08
C LEU B 348 -6.15 10.25 -20.48
N ASP B 349 -6.69 9.05 -20.62
CA ASP B 349 -6.78 8.39 -21.91
C ASP B 349 -7.75 9.12 -22.82
N GLU B 350 -8.89 9.53 -22.25
CA GLU B 350 -9.89 10.28 -23.01
C GLU B 350 -9.30 11.57 -23.58
N VAL B 351 -8.49 12.26 -22.79
CA VAL B 351 -7.95 13.55 -23.19
C VAL B 351 -7.04 13.43 -24.42
N ARG B 352 -6.14 12.44 -24.42
CA ARG B 352 -5.20 12.30 -25.53
C ARG B 352 -5.88 11.73 -26.77
N ARG B 353 -6.86 10.85 -26.59
CA ARG B 353 -7.61 10.33 -27.72
C ARG B 353 -8.43 11.44 -28.36
N LYS B 354 -9.09 12.22 -27.51
CA LYS B 354 -9.95 13.31 -27.98
C LYS B 354 -9.12 14.37 -28.70
N SER B 355 -7.90 14.58 -28.22
CA SER B 355 -7.00 15.57 -28.80
C SER B 355 -6.52 15.15 -30.18
N THR B 356 -6.15 13.87 -30.30
CA THR B 356 -5.73 13.32 -31.58
C THR B 356 -6.88 13.37 -32.59
N GLU B 357 -8.08 13.06 -32.11
CA GLU B 357 -9.27 13.02 -32.96
C GLU B 357 -9.61 14.41 -33.48
N LYS B 358 -9.32 15.44 -32.67
CA LYS B 358 -9.53 16.82 -33.07
C LYS B 358 -8.35 17.37 -33.85
N GLY B 359 -7.25 16.61 -33.87
CA GLY B 359 -6.05 17.04 -34.57
C GLY B 359 -5.39 18.23 -33.91
N LEU B 360 -5.35 18.23 -32.58
CA LEU B 360 -4.79 19.34 -31.83
C LEU B 360 -3.26 19.22 -31.72
N ARG B 361 -2.60 20.33 -31.42
CA ARG B 361 -1.14 20.40 -31.46
C ARG B 361 -0.47 19.66 -30.31
N THR B 362 -1.21 19.35 -29.26
CA THR B 362 -0.64 18.60 -28.13
C THR B 362 -1.64 17.56 -27.61
N THR B 363 -1.11 16.64 -26.81
CA THR B 363 -1.91 15.57 -26.21
C THR B 363 -2.81 16.11 -25.10
N GLY B 364 -2.57 17.36 -24.69
CA GLY B 364 -3.33 17.99 -23.63
C GLY B 364 -4.32 19.02 -24.15
N GLU B 365 -5.12 18.62 -25.13
CA GLU B 365 -6.13 19.50 -25.72
C GLU B 365 -5.49 20.74 -26.35
N GLY B 366 -4.28 20.58 -26.87
CA GLY B 366 -3.59 21.66 -27.56
C GLY B 366 -2.92 22.64 -26.61
N LEU B 367 -2.98 22.35 -25.31
CA LEU B 367 -2.40 23.20 -24.29
C LEU B 367 -1.12 22.57 -23.75
N GLU B 368 -0.35 23.35 -22.99
CA GLU B 368 0.97 22.93 -22.53
C GLU B 368 0.92 22.28 -21.14
N TRP B 369 0.36 23.01 -20.18
CA TRP B 369 0.31 22.54 -18.80
C TRP B 369 -1.07 22.02 -18.45
N GLY B 370 -1.12 21.03 -17.56
CA GLY B 370 -2.38 20.47 -17.10
C GLY B 370 -2.34 20.09 -15.64
N VAL B 371 -3.49 19.71 -15.11
CA VAL B 371 -3.61 19.32 -13.71
C VAL B 371 -4.47 18.08 -13.56
N LEU B 372 -4.07 17.21 -12.64
CA LEU B 372 -4.82 15.98 -12.36
C LEU B 372 -5.15 15.92 -10.87
N PHE B 373 -6.44 15.75 -10.58
CA PHE B 373 -6.92 15.73 -9.21
C PHE B 373 -7.52 14.39 -8.82
N GLY B 374 -7.21 13.96 -7.59
CA GLY B 374 -7.85 12.82 -6.97
C GLY B 374 -8.46 13.26 -5.65
N PHE B 375 -9.68 12.82 -5.37
CA PHE B 375 -10.37 13.13 -4.12
C PHE B 375 -10.79 11.84 -3.45
N GLY B 376 -10.70 11.77 -2.13
CA GLY B 376 -11.08 10.56 -1.41
C GLY B 376 -11.08 10.73 0.10
N PRO B 377 -11.18 9.61 0.84
CA PRO B 377 -11.20 9.58 2.30
C PRO B 377 -10.09 10.42 2.93
N GLY B 378 -10.46 11.29 3.87
CA GLY B 378 -9.50 12.16 4.53
C GLY B 378 -10.17 13.33 5.24
N LEU B 379 -10.77 14.26 4.51
CA LEU B 379 -10.87 14.22 3.05
C LEU B 379 -9.54 14.58 2.40
N THR B 380 -9.03 13.65 1.57
CA THR B 380 -7.71 13.78 0.95
C THR B 380 -7.82 14.30 -0.48
N VAL B 381 -6.86 15.14 -0.86
CA VAL B 381 -6.75 15.63 -2.23
C VAL B 381 -5.35 15.39 -2.76
N GLU B 382 -5.27 14.74 -3.92
CA GLU B 382 -4.01 14.57 -4.63
C GLU B 382 -3.97 15.53 -5.82
N THR B 383 -2.84 16.21 -6.00
CA THR B 383 -2.68 17.17 -7.09
C THR B 383 -1.42 16.87 -7.90
N VAL B 384 -1.60 16.57 -9.18
CA VAL B 384 -0.48 16.26 -10.07
C VAL B 384 -0.42 17.27 -11.21
N VAL B 385 0.71 17.95 -11.33
CA VAL B 385 0.95 18.84 -12.45
C VAL B 385 1.46 18.04 -13.63
N LEU B 386 0.84 18.25 -14.79
CA LEU B 386 1.19 17.54 -16.01
C LEU B 386 1.70 18.49 -17.07
N HIS B 387 2.48 17.96 -18.01
CA HIS B 387 2.87 18.70 -19.19
C HIS B 387 2.58 17.85 -20.42
N SER B 388 1.95 18.46 -21.42
CA SER B 388 1.58 17.76 -22.62
C SER B 388 2.78 17.52 -23.53
N VAL B 389 2.55 16.76 -24.60
CA VAL B 389 3.57 16.48 -25.59
C VAL B 389 3.05 16.93 -26.95
N ALA B 390 3.93 17.52 -27.75
CA ALA B 390 3.55 17.98 -29.08
C ALA B 390 3.12 16.82 -29.97
#